data_1PLY
# 
_entry.id   1PLY 
# 
_audit_conform.dict_name       mmcif_pdbx.dic 
_audit_conform.dict_version    5.386 
_audit_conform.dict_location   http://mmcif.pdb.org/dictionaries/ascii/mmcif_pdbx.dic 
# 
loop_
_database_2.database_id 
_database_2.database_code 
_database_2.pdbx_database_accession 
_database_2.pdbx_DOI 
PDB   1PLY         pdb_00001ply 10.2210/pdb1ply/pdb 
WWPDB D_1000175731 ?            ?                   
# 
loop_
_pdbx_audit_revision_history.ordinal 
_pdbx_audit_revision_history.data_content_type 
_pdbx_audit_revision_history.major_revision 
_pdbx_audit_revision_history.minor_revision 
_pdbx_audit_revision_history.revision_date 
1 'Structure model' 1 0 1995-06-03 
2 'Structure model' 1 1 2008-03-03 
3 'Structure model' 1 2 2011-07-13 
4 'Structure model' 1 3 2024-02-14 
# 
_pdbx_audit_revision_details.ordinal             1 
_pdbx_audit_revision_details.revision_ordinal    1 
_pdbx_audit_revision_details.data_content_type   'Structure model' 
_pdbx_audit_revision_details.provider            repository 
_pdbx_audit_revision_details.type                'Initial release' 
_pdbx_audit_revision_details.description         ? 
_pdbx_audit_revision_details.details             ? 
# 
loop_
_pdbx_audit_revision_group.ordinal 
_pdbx_audit_revision_group.revision_ordinal 
_pdbx_audit_revision_group.data_content_type 
_pdbx_audit_revision_group.group 
1 2 'Structure model' 'Version format compliance' 
2 3 'Structure model' 'Version format compliance' 
3 4 'Structure model' 'Data collection'           
4 4 'Structure model' 'Database references'       
5 4 'Structure model' 'Derived calculations'      
6 4 'Structure model' Other                       
# 
loop_
_pdbx_audit_revision_category.ordinal 
_pdbx_audit_revision_category.revision_ordinal 
_pdbx_audit_revision_category.data_content_type 
_pdbx_audit_revision_category.category 
1 4 'Structure model' chem_comp_atom       
2 4 'Structure model' chem_comp_bond       
3 4 'Structure model' database_2           
4 4 'Structure model' pdbx_database_status 
5 4 'Structure model' struct_site          
# 
loop_
_pdbx_audit_revision_item.ordinal 
_pdbx_audit_revision_item.revision_ordinal 
_pdbx_audit_revision_item.data_content_type 
_pdbx_audit_revision_item.item 
1 4 'Structure model' '_database_2.pdbx_DOI'                
2 4 'Structure model' '_database_2.pdbx_database_accession' 
3 4 'Structure model' '_pdbx_database_status.process_site'  
4 4 'Structure model' '_struct_site.pdbx_auth_asym_id'      
5 4 'Structure model' '_struct_site.pdbx_auth_comp_id'      
6 4 'Structure model' '_struct_site.pdbx_auth_seq_id'       
# 
_pdbx_database_status.status_code                     REL 
_pdbx_database_status.entry_id                        1PLY 
_pdbx_database_status.recvd_initial_deposition_date   1995-02-28 
_pdbx_database_status.deposit_site                    ? 
_pdbx_database_status.process_site                    BNL 
_pdbx_database_status.SG_entry                        . 
_pdbx_database_status.pdb_format_compatible           Y 
_pdbx_database_status.status_code_mr                  ? 
_pdbx_database_status.status_code_sf                  ? 
_pdbx_database_status.status_code_cs                  ? 
_pdbx_database_status.status_code_nmr_data            ? 
_pdbx_database_status.methods_development_category    ? 
# 
loop_
_audit_author.name 
_audit_author.pdbx_ordinal 
'Chandrasekaran, R.' 1 
'Radha, A.'          2 
'Park, H.-S.'        3 
# 
_citation.id                        primary 
_citation.title                     'Sodium ions and water molecules in the structure of poly(dA).poly(dT).' 
_citation.journal_abbrev            'Acta Crystallogr.,Sect.D' 
_citation.journal_volume            51 
_citation.page_first                1025 
_citation.page_last                 1035 
_citation.year                      1995 
_citation.journal_id_ASTM           ABCRE6 
_citation.country                   DK 
_citation.journal_id_ISSN           0907-4449 
_citation.journal_id_CSD            0766 
_citation.book_publisher            ? 
_citation.pdbx_database_id_PubMed   15299771 
_citation.pdbx_database_id_DOI      10.1107/S0907444995001880 
# 
loop_
_citation_author.citation_id 
_citation_author.name 
_citation_author.ordinal 
_citation_author.identifier_ORCID 
primary 'Chandrasekaran, R.' 1 ? 
primary 'Radha, A.'          2 ? 
primary 'Park, H.S.'         3 ? 
# 
loop_
_entity.id 
_entity.type 
_entity.src_method 
_entity.pdbx_description 
_entity.formula_weight 
_entity.pdbx_number_of_molecules 
_entity.pdbx_ec 
_entity.pdbx_mutation 
_entity.pdbx_fragment 
_entity.details 
1 polymer     syn 
;DNA (5'-D(P*AP*AP*AP*AP*A)-3')
;
1521.077 1  ? ? ? ? 
2 polymer     syn 
;DNA (5'-D(P*TP*TP*TP*TP*T)-3')
;
1476.007 1  ? ? ? ? 
3 non-polymer syn 'SODIUM ION'                     22.990   10 ? ? ? ? 
4 water       nat water                            18.015   16 ? ? ? ? 
# 
loop_
_entity_poly.entity_id 
_entity_poly.type 
_entity_poly.nstd_linkage 
_entity_poly.nstd_monomer 
_entity_poly.pdbx_seq_one_letter_code 
_entity_poly.pdbx_seq_one_letter_code_can 
_entity_poly.pdbx_strand_id 
_entity_poly.pdbx_target_identifier 
1 polydeoxyribonucleotide no no '(DA)(DA)(DA)(DA)(DA)' AAAAA A ? 
2 polydeoxyribonucleotide no no '(DT)(DT)(DT)(DT)(DT)' TTTTT B ? 
# 
loop_
_pdbx_entity_nonpoly.entity_id 
_pdbx_entity_nonpoly.name 
_pdbx_entity_nonpoly.comp_id 
3 'SODIUM ION' NA  
4 water        HOH 
# 
loop_
_entity_poly_seq.entity_id 
_entity_poly_seq.num 
_entity_poly_seq.mon_id 
_entity_poly_seq.hetero 
1 1 DA n 
1 2 DA n 
1 3 DA n 
1 4 DA n 
1 5 DA n 
2 1 DT n 
2 2 DT n 
2 3 DT n 
2 4 DT n 
2 5 DT n 
# 
loop_
_chem_comp.id 
_chem_comp.type 
_chem_comp.mon_nstd_flag 
_chem_comp.name 
_chem_comp.pdbx_synonyms 
_chem_comp.formula 
_chem_comp.formula_weight 
DA  'DNA linking' y "2'-DEOXYADENOSINE-5'-MONOPHOSPHATE" ? 'C10 H14 N5 O6 P' 331.222 
DT  'DNA linking' y "THYMIDINE-5'-MONOPHOSPHATE"         ? 'C10 H15 N2 O8 P' 322.208 
HOH non-polymer   . WATER                                ? 'H2 O'            18.015  
NA  non-polymer   . 'SODIUM ION'                         ? 'Na 1'            22.990  
# 
loop_
_pdbx_poly_seq_scheme.asym_id 
_pdbx_poly_seq_scheme.entity_id 
_pdbx_poly_seq_scheme.seq_id 
_pdbx_poly_seq_scheme.mon_id 
_pdbx_poly_seq_scheme.ndb_seq_num 
_pdbx_poly_seq_scheme.pdb_seq_num 
_pdbx_poly_seq_scheme.auth_seq_num 
_pdbx_poly_seq_scheme.pdb_mon_id 
_pdbx_poly_seq_scheme.auth_mon_id 
_pdbx_poly_seq_scheme.pdb_strand_id 
_pdbx_poly_seq_scheme.pdb_ins_code 
_pdbx_poly_seq_scheme.hetero 
A 1 1 DA 1 1  1  DA A A . n 
A 1 2 DA 2 2  2  DA A A . n 
A 1 3 DA 3 3  3  DA A A . n 
A 1 4 DA 4 4  4  DA A A . n 
A 1 5 DA 5 5  5  DA A A . n 
B 2 1 DT 1 6  6  DT T B . n 
B 2 2 DT 2 7  7  DT T B . n 
B 2 3 DT 3 8  8  DT T B . n 
B 2 4 DT 4 9  9  DT T B . n 
B 2 5 DT 5 10 10 DT T B . n 
# 
loop_
_pdbx_nonpoly_scheme.asym_id 
_pdbx_nonpoly_scheme.entity_id 
_pdbx_nonpoly_scheme.mon_id 
_pdbx_nonpoly_scheme.ndb_seq_num 
_pdbx_nonpoly_scheme.pdb_seq_num 
_pdbx_nonpoly_scheme.auth_seq_num 
_pdbx_nonpoly_scheme.pdb_mon_id 
_pdbx_nonpoly_scheme.auth_mon_id 
_pdbx_nonpoly_scheme.pdb_strand_id 
_pdbx_nonpoly_scheme.pdb_ins_code 
C 3 NA  1  6  3  NA  NA  A . 
D 3 NA  1  7  4  NA  NA  A . 
E 3 NA  1  8  5  NA  NA  A . 
F 3 NA  1  9  6  NA  NA  A . 
G 3 NA  1  10 8  NA  NA  A . 
H 3 NA  1  1  1  NA  NA  B . 
I 3 NA  1  2  2  NA  NA  B . 
J 3 NA  1  11 7  NA  NA  B . 
K 3 NA  1  12 9  NA  NA  B . 
L 3 NA  1  13 10 NA  NA  B . 
M 4 HOH 1  11 6  HOH HOH A . 
M 4 HOH 2  12 7  HOH HOH A . 
M 4 HOH 3  13 8  HOH HOH A . 
M 4 HOH 4  14 12 HOH HOH A . 
M 4 HOH 5  15 13 HOH HOH A . 
M 4 HOH 6  16 14 HOH HOH A . 
N 4 HOH 1  14 1  HOH HOH B . 
N 4 HOH 2  15 2  HOH HOH B . 
N 4 HOH 3  16 3  HOH HOH B . 
N 4 HOH 4  17 4  HOH HOH B . 
N 4 HOH 5  18 5  HOH HOH B . 
N 4 HOH 6  19 9  HOH HOH B . 
N 4 HOH 7  20 10 HOH HOH B . 
N 4 HOH 8  21 11 HOH HOH B . 
N 4 HOH 9  22 15 HOH HOH B . 
N 4 HOH 10 23 16 HOH HOH B . 
# 
_software.name             LALS 
_software.classification   refinement 
_software.version          . 
_software.citation_id      ? 
_software.pdbx_ordinal     1 
# 
_cell.entry_id           1PLY 
_cell.length_a           18.560 
_cell.length_b           22.680 
_cell.length_c           32.400 
_cell.angle_alpha        90.00 
_cell.angle_beta         90.00 
_cell.angle_gamma        99.90 
_cell.Z_PDB              2 
_cell.pdbx_unique_axis   ? 
# 
_symmetry.entry_id                         1PLY 
_symmetry.space_group_name_H-M             'P 1 1 21' 
_symmetry.pdbx_full_space_group_name_H-M   ? 
_symmetry.cell_setting                     ? 
_symmetry.Int_Tables_number                4 
# 
_exptl.entry_id          1PLY 
_exptl.method            'FIBER DIFFRACTION' 
_exptl.crystals_number   ? 
# 
_refine.entry_id                                 1PLY 
_refine.ls_number_reflns_obs                     102 
_refine.ls_number_reflns_all                     ? 
_refine.pdbx_ls_sigma_I                          ? 
_refine.pdbx_ls_sigma_F                          ? 
_refine.pdbx_data_cutoff_high_absF               ? 
_refine.pdbx_data_cutoff_low_absF                ? 
_refine.pdbx_data_cutoff_high_rms_absF           ? 
_refine.ls_d_res_low                             ? 
_refine.ls_d_res_high                            3.2 
_refine.ls_percent_reflns_obs                    ? 
_refine.ls_R_factor_obs                          ? 
_refine.ls_R_factor_all                          ? 
_refine.ls_R_factor_R_work                       0.2300000 
_refine.ls_R_factor_R_free                       ? 
_refine.ls_R_factor_R_free_error                 ? 
_refine.ls_R_factor_R_free_error_details         ? 
_refine.ls_percent_reflns_R_free                 ? 
_refine.ls_number_reflns_R_free                  ? 
_refine.ls_number_parameters                     ? 
_refine.ls_number_restraints                     ? 
_refine.occupancy_min                            ? 
_refine.occupancy_max                            ? 
_refine.B_iso_mean                               ? 
_refine.aniso_B[1][1]                            ? 
_refine.aniso_B[2][2]                            ? 
_refine.aniso_B[3][3]                            ? 
_refine.aniso_B[1][2]                            ? 
_refine.aniso_B[1][3]                            ? 
_refine.aniso_B[2][3]                            ? 
_refine.solvent_model_details                    ? 
_refine.solvent_model_param_ksol                 ? 
_refine.solvent_model_param_bsol                 ? 
_refine.pdbx_ls_cross_valid_method               ? 
_refine.details                                  
;DUE TO THE LOW RESOLUTION OF THE DATA, THE THERMAL
PARAMETER FOR ALL ATOMS WAS FIXED AT 4 ANGSTROMS**2.
;
_refine.pdbx_starting_model                      ? 
_refine.pdbx_method_to_determine_struct          ? 
_refine.pdbx_isotropic_thermal_model             ? 
_refine.pdbx_stereochemistry_target_values       ? 
_refine.pdbx_stereochem_target_val_spec_case     ? 
_refine.pdbx_R_Free_selection_details            ? 
_refine.pdbx_overall_ESU_R                       ? 
_refine.pdbx_overall_ESU_R_Free                  ? 
_refine.overall_SU_ML                            ? 
_refine.overall_SU_B                             ? 
_refine.pdbx_refine_id                           'FIBER DIFFRACTION' 
_refine.pdbx_diffrn_id                           1 
_refine.pdbx_TLS_residual_ADP_flag               ? 
_refine.correlation_coeff_Fo_to_Fc               ? 
_refine.correlation_coeff_Fo_to_Fc_free          ? 
_refine.pdbx_solvent_vdw_probe_radii             ? 
_refine.pdbx_solvent_ion_probe_radii             ? 
_refine.pdbx_solvent_shrinkage_radii             ? 
_refine.pdbx_overall_phase_error                 ? 
_refine.overall_SU_R_Cruickshank_DPI             ? 
_refine.pdbx_overall_SU_R_free_Cruickshank_DPI   ? 
_refine.pdbx_overall_SU_R_Blow_DPI               ? 
_refine.pdbx_overall_SU_R_free_Blow_DPI          ? 
# 
_refine_hist.pdbx_refine_id                   'FIBER DIFFRACTION' 
_refine_hist.cycle_id                         LAST 
_refine_hist.pdbx_number_atoms_protein        0 
_refine_hist.pdbx_number_atoms_nucleic_acid   320 
_refine_hist.pdbx_number_atoms_ligand         10 
_refine_hist.number_atoms_solvent             16 
_refine_hist.number_atoms_total               346 
_refine_hist.d_res_high                       3.2 
_refine_hist.d_res_low                        . 
# 
_struct.entry_id                  1PLY 
_struct.title                     'SODIUM IONS AND WATER MOLECULES IN THE STRUCTURE OF POLY D(A)(DOT)POLY D(T)' 
_struct.pdbx_model_details        ? 
_struct.pdbx_CASP_flag            ? 
_struct.pdbx_model_type_details   ? 
# 
_struct_keywords.entry_id        1PLY 
_struct_keywords.pdbx_keywords   DNA 
_struct_keywords.text            DNA 
# 
loop_
_struct_asym.id 
_struct_asym.pdbx_blank_PDB_chainid_flag 
_struct_asym.pdbx_modified 
_struct_asym.entity_id 
_struct_asym.details 
A N N 1 ? 
B N N 2 ? 
C N N 3 ? 
D N N 3 ? 
E N N 3 ? 
F N N 3 ? 
G N N 3 ? 
H N N 3 ? 
I N N 3 ? 
J N N 3 ? 
K N N 3 ? 
L N N 3 ? 
M N N 4 ? 
N N N 4 ? 
# 
loop_
_struct_ref.id 
_struct_ref.entity_id 
_struct_ref.db_name 
_struct_ref.db_code 
_struct_ref.pdbx_db_accession 
_struct_ref.pdbx_db_isoform 
_struct_ref.pdbx_seq_one_letter_code 
_struct_ref.pdbx_align_begin 
1 1 PDB 1PLY 1PLY ? ? ? 
2 2 PDB 1PLY 1PLY ? ? ? 
# 
loop_
_struct_ref_seq.align_id 
_struct_ref_seq.ref_id 
_struct_ref_seq.pdbx_PDB_id_code 
_struct_ref_seq.pdbx_strand_id 
_struct_ref_seq.seq_align_beg 
_struct_ref_seq.pdbx_seq_align_beg_ins_code 
_struct_ref_seq.seq_align_end 
_struct_ref_seq.pdbx_seq_align_end_ins_code 
_struct_ref_seq.pdbx_db_accession 
_struct_ref_seq.db_align_beg 
_struct_ref_seq.pdbx_db_align_beg_ins_code 
_struct_ref_seq.db_align_end 
_struct_ref_seq.pdbx_db_align_end_ins_code 
_struct_ref_seq.pdbx_auth_seq_align_beg 
_struct_ref_seq.pdbx_auth_seq_align_end 
1 1 1PLY A 1 ? 5 ? 1PLY 1 ? 5  ? 1 5  
2 2 1PLY B 1 ? 5 ? 1PLY 6 ? 10 ? 6 10 
# 
_pdbx_struct_assembly.id                   1 
_pdbx_struct_assembly.details              author_defined_assembly 
_pdbx_struct_assembly.method_details       ? 
_pdbx_struct_assembly.oligomeric_details   dimeric 
_pdbx_struct_assembly.oligomeric_count     2 
# 
_pdbx_struct_assembly_gen.assembly_id       1 
_pdbx_struct_assembly_gen.oper_expression   1 
_pdbx_struct_assembly_gen.asym_id_list      A,B,C,D,E,F,G,H,I,J,K,L,M,N 
# 
_pdbx_struct_oper_list.id                   1 
_pdbx_struct_oper_list.type                 'identity operation' 
_pdbx_struct_oper_list.name                 1_555 
_pdbx_struct_oper_list.symmetry_operation   x,y,z 
_pdbx_struct_oper_list.matrix[1][1]         1.0000000000 
_pdbx_struct_oper_list.matrix[1][2]         0.0000000000 
_pdbx_struct_oper_list.matrix[1][3]         0.0000000000 
_pdbx_struct_oper_list.vector[1]            0.0000000000 
_pdbx_struct_oper_list.matrix[2][1]         0.0000000000 
_pdbx_struct_oper_list.matrix[2][2]         1.0000000000 
_pdbx_struct_oper_list.matrix[2][3]         0.0000000000 
_pdbx_struct_oper_list.vector[2]            0.0000000000 
_pdbx_struct_oper_list.matrix[3][1]         0.0000000000 
_pdbx_struct_oper_list.matrix[3][2]         0.0000000000 
_pdbx_struct_oper_list.matrix[3][3]         1.0000000000 
_pdbx_struct_oper_list.vector[3]            0.0000000000 
# 
_struct_biol.id                    1 
_struct_biol.details               
;THE DNA IS A REGULAR TEN-FOLD HELIX HAVING TURN ANGLE 36
DEGREES AND AXIAL RISE 3.24 ANGSTROMS FOR EACH BASE-PAIR.
THE CRYSTALLOGRAPHIC ASYMMETRIC UNIT CORRESPONDS TO HALF
THE UNIT CELL.  IT CONTAINS HALF A TURN OF THE DNA HELIX
I.E., 5 BASE PAIRS, 16 WATER MOLECULES AND 10 SODIUM IONS.
THEY ARE IN AN ORTHOGONAL COORDINATE SYSTEM WHERE X IS
PARALLEL TO A* AND Z IS PARALLEL TO C* (HELIX AXIS WHICH
IS THE 2 SUB 1 AXIS OF THE SPACE GROUP SYMMETRY).
;
_struct_biol.pdbx_parent_biol_id   ? 
# 
loop_
_struct_conn.id 
_struct_conn.conn_type_id 
_struct_conn.pdbx_leaving_atom_flag 
_struct_conn.pdbx_PDB_id 
_struct_conn.ptnr1_label_asym_id 
_struct_conn.ptnr1_label_comp_id 
_struct_conn.ptnr1_label_seq_id 
_struct_conn.ptnr1_label_atom_id 
_struct_conn.pdbx_ptnr1_label_alt_id 
_struct_conn.pdbx_ptnr1_PDB_ins_code 
_struct_conn.pdbx_ptnr1_standard_comp_id 
_struct_conn.ptnr1_symmetry 
_struct_conn.ptnr2_label_asym_id 
_struct_conn.ptnr2_label_comp_id 
_struct_conn.ptnr2_label_seq_id 
_struct_conn.ptnr2_label_atom_id 
_struct_conn.pdbx_ptnr2_label_alt_id 
_struct_conn.pdbx_ptnr2_PDB_ins_code 
_struct_conn.ptnr1_auth_asym_id 
_struct_conn.ptnr1_auth_comp_id 
_struct_conn.ptnr1_auth_seq_id 
_struct_conn.ptnr2_auth_asym_id 
_struct_conn.ptnr2_auth_comp_id 
_struct_conn.ptnr2_auth_seq_id 
_struct_conn.ptnr2_symmetry 
_struct_conn.pdbx_ptnr3_label_atom_id 
_struct_conn.pdbx_ptnr3_label_seq_id 
_struct_conn.pdbx_ptnr3_label_comp_id 
_struct_conn.pdbx_ptnr3_label_asym_id 
_struct_conn.pdbx_ptnr3_label_alt_id 
_struct_conn.pdbx_ptnr3_PDB_ins_code 
_struct_conn.details 
_struct_conn.pdbx_dist_value 
_struct_conn.pdbx_value_order 
_struct_conn.pdbx_role 
metalc1  metalc ? ? A DA 1 OP1 ? ? ? 1_555 E NA  . NA ? ? A DA 1 A NA  8  1_555 ? ? ? ? ? ? ?            2.879 ? ? 
metalc2  metalc ? ? A DA 2 OP1 ? ? ? 1_555 D NA  . NA ? ? A DA 2 A NA  7  1_555 ? ? ? ? ? ? ?            2.786 ? ? 
metalc3  metalc ? ? D NA . NA  ? ? ? 1_555 M HOH . O  ? ? A NA 7 A HOH 14 1_555 ? ? ? ? ? ? ?            2.642 ? ? 
metalc4  metalc ? ? E NA . NA  ? ? ? 1_555 M HOH . O  ? ? A NA 8 A HOH 15 1_555 ? ? ? ? ? ? ?            2.758 ? ? 
metalc5  metalc ? ? F NA . NA  ? ? ? 1_555 M HOH . O  ? ? A NA 9 A HOH 15 1_555 ? ? ? ? ? ? ?            2.912 ? ? 
hydrog1  hydrog ? ? A DA 1 N1  ? ? ? 1_555 B DT  5 N3 ? ? A DA 1 B DT  10 1_555 ? ? ? ? ? ? WATSON-CRICK ?     ? ? 
hydrog2  hydrog ? ? A DA 1 N6  ? ? ? 1_555 B DT  5 O4 ? ? A DA 1 B DT  10 1_555 ? ? ? ? ? ? WATSON-CRICK ?     ? ? 
hydrog3  hydrog ? ? A DA 2 N1  ? ? ? 1_555 B DT  4 N3 ? ? A DA 2 B DT  9  1_555 ? ? ? ? ? ? WATSON-CRICK ?     ? ? 
hydrog4  hydrog ? ? A DA 2 N6  ? ? ? 1_555 B DT  4 O4 ? ? A DA 2 B DT  9  1_555 ? ? ? ? ? ? WATSON-CRICK ?     ? ? 
hydrog5  hydrog ? ? A DA 3 N1  ? ? ? 1_555 B DT  3 N3 ? ? A DA 3 B DT  8  1_555 ? ? ? ? ? ? WATSON-CRICK ?     ? ? 
hydrog6  hydrog ? ? A DA 3 N6  ? ? ? 1_555 B DT  3 O4 ? ? A DA 3 B DT  8  1_555 ? ? ? ? ? ? WATSON-CRICK ?     ? ? 
hydrog7  hydrog ? ? A DA 4 N1  ? ? ? 1_555 B DT  2 N3 ? ? A DA 4 B DT  7  1_555 ? ? ? ? ? ? WATSON-CRICK ?     ? ? 
hydrog8  hydrog ? ? A DA 4 N6  ? ? ? 1_555 B DT  2 O4 ? ? A DA 4 B DT  7  1_555 ? ? ? ? ? ? WATSON-CRICK ?     ? ? 
hydrog9  hydrog ? ? A DA 5 N1  ? ? ? 1_555 B DT  1 N3 ? ? A DA 5 B DT  6  1_555 ? ? ? ? ? ? WATSON-CRICK ?     ? ? 
hydrog10 hydrog ? ? A DA 5 N6  ? ? ? 1_555 B DT  1 O4 ? ? A DA 5 B DT  6  1_555 ? ? ? ? ? ? WATSON-CRICK ?     ? ? 
# 
loop_
_struct_conn_type.id 
_struct_conn_type.criteria 
_struct_conn_type.reference 
metalc ? ? 
hydrog ? ? 
# 
loop_
_pdbx_struct_conn_angle.id 
_pdbx_struct_conn_angle.ptnr1_label_atom_id 
_pdbx_struct_conn_angle.ptnr1_label_alt_id 
_pdbx_struct_conn_angle.ptnr1_label_asym_id 
_pdbx_struct_conn_angle.ptnr1_label_comp_id 
_pdbx_struct_conn_angle.ptnr1_label_seq_id 
_pdbx_struct_conn_angle.ptnr1_auth_atom_id 
_pdbx_struct_conn_angle.ptnr1_auth_asym_id 
_pdbx_struct_conn_angle.ptnr1_auth_comp_id 
_pdbx_struct_conn_angle.ptnr1_auth_seq_id 
_pdbx_struct_conn_angle.ptnr1_PDB_ins_code 
_pdbx_struct_conn_angle.ptnr1_symmetry 
_pdbx_struct_conn_angle.ptnr2_label_atom_id 
_pdbx_struct_conn_angle.ptnr2_label_alt_id 
_pdbx_struct_conn_angle.ptnr2_label_asym_id 
_pdbx_struct_conn_angle.ptnr2_label_comp_id 
_pdbx_struct_conn_angle.ptnr2_label_seq_id 
_pdbx_struct_conn_angle.ptnr2_auth_atom_id 
_pdbx_struct_conn_angle.ptnr2_auth_asym_id 
_pdbx_struct_conn_angle.ptnr2_auth_comp_id 
_pdbx_struct_conn_angle.ptnr2_auth_seq_id 
_pdbx_struct_conn_angle.ptnr2_PDB_ins_code 
_pdbx_struct_conn_angle.ptnr2_symmetry 
_pdbx_struct_conn_angle.ptnr3_label_atom_id 
_pdbx_struct_conn_angle.ptnr3_label_alt_id 
_pdbx_struct_conn_angle.ptnr3_label_asym_id 
_pdbx_struct_conn_angle.ptnr3_label_comp_id 
_pdbx_struct_conn_angle.ptnr3_label_seq_id 
_pdbx_struct_conn_angle.ptnr3_auth_atom_id 
_pdbx_struct_conn_angle.ptnr3_auth_asym_id 
_pdbx_struct_conn_angle.ptnr3_auth_comp_id 
_pdbx_struct_conn_angle.ptnr3_auth_seq_id 
_pdbx_struct_conn_angle.ptnr3_PDB_ins_code 
_pdbx_struct_conn_angle.ptnr3_symmetry 
_pdbx_struct_conn_angle.value 
_pdbx_struct_conn_angle.value_esd 
1 OP1 ? A DA 1 ? A DA 1 ? 1_555 NA ? E NA . ? A NA 8 ? 1_555 O ? M HOH . ? A HOH 15 ? 1_555 96.2  ? 
2 OP1 ? A DA 2 ? A DA 2 ? 1_555 NA ? D NA . ? A NA 7 ? 1_555 O ? M HOH . ? A HOH 14 ? 1_555 131.3 ? 
# 
loop_
_struct_site.id 
_struct_site.pdbx_evidence_code 
_struct_site.pdbx_auth_asym_id 
_struct_site.pdbx_auth_comp_id 
_struct_site.pdbx_auth_seq_id 
_struct_site.pdbx_auth_ins_code 
_struct_site.pdbx_num_residues 
_struct_site.details 
AC1 Software B NA 1  ? 1 'BINDING SITE FOR RESIDUE NA B 1'  
AC2 Software B NA 2  ? 1 'BINDING SITE FOR RESIDUE NA B 2'  
AC3 Software A NA 7  ? 2 'BINDING SITE FOR RESIDUE NA A 7'  
AC4 Software A NA 8  ? 3 'BINDING SITE FOR RESIDUE NA A 8'  
AC5 Software A NA 9  ? 1 'BINDING SITE FOR RESIDUE NA A 9'  
AC6 Software B NA 11 ? 1 'BINDING SITE FOR RESIDUE NA B 11' 
AC7 Software A NA 10 ? 1 'BINDING SITE FOR RESIDUE NA A 10' 
AC8 Software B NA 12 ? 1 'BINDING SITE FOR RESIDUE NA B 12' 
AC9 Software B NA 13 ? 2 'BINDING SITE FOR RESIDUE NA B 13' 
# 
loop_
_struct_site_gen.id 
_struct_site_gen.site_id 
_struct_site_gen.pdbx_num_res 
_struct_site_gen.label_comp_id 
_struct_site_gen.label_asym_id 
_struct_site_gen.label_seq_id 
_struct_site_gen.pdbx_auth_ins_code 
_struct_site_gen.auth_comp_id 
_struct_site_gen.auth_asym_id 
_struct_site_gen.auth_seq_id 
_struct_site_gen.label_atom_id 
_struct_site_gen.label_alt_id 
_struct_site_gen.symmetry 
_struct_site_gen.details 
1  AC1 1 DT  B 5 ? DT  B 10 . ? 1_555 ? 
2  AC2 1 DT  B 5 ? DT  B 10 . ? 1_555 ? 
3  AC3 2 DA  A 2 ? DA  A 2  . ? 1_555 ? 
4  AC3 2 HOH M . ? HOH A 14 . ? 1_555 ? 
5  AC4 3 DA  A 1 ? DA  A 1  . ? 1_555 ? 
6  AC4 3 HOH M . ? HOH A 15 . ? 1_555 ? 
7  AC4 3 DT  B 5 ? DT  B 10 . ? 1_545 ? 
8  AC5 1 HOH M . ? HOH A 15 . ? 1_555 ? 
9  AC6 1 DA  A 5 ? DA  A 5  . ? 1_545 ? 
10 AC7 1 NA  L . ? NA  B 13 . ? 1_655 ? 
11 AC8 1 DT  B 4 ? DT  B 9  . ? 1_555 ? 
12 AC9 2 NA  G . ? NA  A 10 . ? 1_455 ? 
13 AC9 2 DT  B 2 ? DT  B 7  . ? 1_555 ? 
# 
loop_
_pdbx_validate_symm_contact.id 
_pdbx_validate_symm_contact.PDB_model_num 
_pdbx_validate_symm_contact.auth_atom_id_1 
_pdbx_validate_symm_contact.auth_asym_id_1 
_pdbx_validate_symm_contact.auth_comp_id_1 
_pdbx_validate_symm_contact.auth_seq_id_1 
_pdbx_validate_symm_contact.PDB_ins_code_1 
_pdbx_validate_symm_contact.label_alt_id_1 
_pdbx_validate_symm_contact.site_symmetry_1 
_pdbx_validate_symm_contact.auth_atom_id_2 
_pdbx_validate_symm_contact.auth_asym_id_2 
_pdbx_validate_symm_contact.auth_comp_id_2 
_pdbx_validate_symm_contact.auth_seq_id_2 
_pdbx_validate_symm_contact.PDB_ins_code_2 
_pdbx_validate_symm_contact.label_alt_id_2 
_pdbx_validate_symm_contact.site_symmetry_2 
_pdbx_validate_symm_contact.dist 
1 1 P A DA 1 ? ? 1_555 "O3'" A DA 5  ? ? 2_554 1.60 
2 1 P B DT 6 ? ? 1_555 "O3'" B DT 10 ? ? 2_555 1.60 
# 
loop_
_pdbx_validate_rmsd_angle.id 
_pdbx_validate_rmsd_angle.PDB_model_num 
_pdbx_validate_rmsd_angle.auth_atom_id_1 
_pdbx_validate_rmsd_angle.auth_asym_id_1 
_pdbx_validate_rmsd_angle.auth_comp_id_1 
_pdbx_validate_rmsd_angle.auth_seq_id_1 
_pdbx_validate_rmsd_angle.PDB_ins_code_1 
_pdbx_validate_rmsd_angle.label_alt_id_1 
_pdbx_validate_rmsd_angle.auth_atom_id_2 
_pdbx_validate_rmsd_angle.auth_asym_id_2 
_pdbx_validate_rmsd_angle.auth_comp_id_2 
_pdbx_validate_rmsd_angle.auth_seq_id_2 
_pdbx_validate_rmsd_angle.PDB_ins_code_2 
_pdbx_validate_rmsd_angle.label_alt_id_2 
_pdbx_validate_rmsd_angle.auth_atom_id_3 
_pdbx_validate_rmsd_angle.auth_asym_id_3 
_pdbx_validate_rmsd_angle.auth_comp_id_3 
_pdbx_validate_rmsd_angle.auth_seq_id_3 
_pdbx_validate_rmsd_angle.PDB_ins_code_3 
_pdbx_validate_rmsd_angle.label_alt_id_3 
_pdbx_validate_rmsd_angle.angle_value 
_pdbx_validate_rmsd_angle.angle_target_value 
_pdbx_validate_rmsd_angle.angle_deviation 
_pdbx_validate_rmsd_angle.angle_standard_deviation 
_pdbx_validate_rmsd_angle.linker_flag 
1  1 "C1'" A DA 1  ? ? "O4'" A DA 1  ? ? "C4'" A DA 1  ? ? 103.72 110.10 -6.38 1.00 N 
2  1 "C3'" A DA 1  ? ? "C2'" A DA 1  ? ? "C1'" A DA 1  ? ? 92.74  102.40 -9.66 0.80 N 
3  1 "C1'" A DA 2  ? ? "O4'" A DA 2  ? ? "C4'" A DA 2  ? ? 103.66 110.10 -6.44 1.00 N 
4  1 "C3'" A DA 2  ? ? "C2'" A DA 2  ? ? "C1'" A DA 2  ? ? 92.75  102.40 -9.65 0.80 N 
5  1 "C1'" A DA 3  ? ? "O4'" A DA 3  ? ? "C4'" A DA 3  ? ? 103.68 110.10 -6.42 1.00 N 
6  1 "C3'" A DA 3  ? ? "C2'" A DA 3  ? ? "C1'" A DA 3  ? ? 92.73  102.40 -9.67 0.80 N 
7  1 "C1'" A DA 4  ? ? "O4'" A DA 4  ? ? "C4'" A DA 4  ? ? 103.67 110.10 -6.43 1.00 N 
8  1 "C3'" A DA 4  ? ? "C2'" A DA 4  ? ? "C1'" A DA 4  ? ? 92.72  102.40 -9.68 0.80 N 
9  1 "C1'" A DA 5  ? ? "O4'" A DA 5  ? ? "C4'" A DA 5  ? ? 103.71 110.10 -6.39 1.00 N 
10 1 "C3'" A DA 5  ? ? "C2'" A DA 5  ? ? "C1'" A DA 5  ? ? 92.76  102.40 -9.64 0.80 N 
11 1 "C3'" B DT 6  ? ? "C2'" B DT 6  ? ? "C1'" B DT 6  ? ? 96.53  102.40 -5.87 0.80 N 
12 1 "C3'" B DT 7  ? ? "C2'" B DT 7  ? ? "C1'" B DT 7  ? ? 96.51  102.40 -5.89 0.80 N 
13 1 "C3'" B DT 8  ? ? "C2'" B DT 8  ? ? "C1'" B DT 8  ? ? 96.50  102.40 -5.90 0.80 N 
14 1 "C3'" B DT 9  ? ? "C2'" B DT 9  ? ? "C1'" B DT 9  ? ? 96.55  102.40 -5.85 0.80 N 
15 1 "C3'" B DT 10 ? ? "C2'" B DT 10 ? ? "C1'" B DT 10 ? ? 96.48  102.40 -5.92 0.80 N 
# 
loop_
_chem_comp_atom.comp_id 
_chem_comp_atom.atom_id 
_chem_comp_atom.type_symbol 
_chem_comp_atom.pdbx_aromatic_flag 
_chem_comp_atom.pdbx_stereo_config 
_chem_comp_atom.pdbx_ordinal 
DA  OP3    O  N N 1  
DA  P      P  N N 2  
DA  OP1    O  N N 3  
DA  OP2    O  N N 4  
DA  "O5'"  O  N N 5  
DA  "C5'"  C  N N 6  
DA  "C4'"  C  N R 7  
DA  "O4'"  O  N N 8  
DA  "C3'"  C  N S 9  
DA  "O3'"  O  N N 10 
DA  "C2'"  C  N N 11 
DA  "C1'"  C  N R 12 
DA  N9     N  Y N 13 
DA  C8     C  Y N 14 
DA  N7     N  Y N 15 
DA  C5     C  Y N 16 
DA  C6     C  Y N 17 
DA  N6     N  N N 18 
DA  N1     N  Y N 19 
DA  C2     C  Y N 20 
DA  N3     N  Y N 21 
DA  C4     C  Y N 22 
DA  HOP3   H  N N 23 
DA  HOP2   H  N N 24 
DA  "H5'"  H  N N 25 
DA  "H5''" H  N N 26 
DA  "H4'"  H  N N 27 
DA  "H3'"  H  N N 28 
DA  "HO3'" H  N N 29 
DA  "H2'"  H  N N 30 
DA  "H2''" H  N N 31 
DA  "H1'"  H  N N 32 
DA  H8     H  N N 33 
DA  H61    H  N N 34 
DA  H62    H  N N 35 
DA  H2     H  N N 36 
DT  OP3    O  N N 37 
DT  P      P  N N 38 
DT  OP1    O  N N 39 
DT  OP2    O  N N 40 
DT  "O5'"  O  N N 41 
DT  "C5'"  C  N N 42 
DT  "C4'"  C  N R 43 
DT  "O4'"  O  N N 44 
DT  "C3'"  C  N S 45 
DT  "O3'"  O  N N 46 
DT  "C2'"  C  N N 47 
DT  "C1'"  C  N R 48 
DT  N1     N  N N 49 
DT  C2     C  N N 50 
DT  O2     O  N N 51 
DT  N3     N  N N 52 
DT  C4     C  N N 53 
DT  O4     O  N N 54 
DT  C5     C  N N 55 
DT  C7     C  N N 56 
DT  C6     C  N N 57 
DT  HOP3   H  N N 58 
DT  HOP2   H  N N 59 
DT  "H5'"  H  N N 60 
DT  "H5''" H  N N 61 
DT  "H4'"  H  N N 62 
DT  "H3'"  H  N N 63 
DT  "HO3'" H  N N 64 
DT  "H2'"  H  N N 65 
DT  "H2''" H  N N 66 
DT  "H1'"  H  N N 67 
DT  H3     H  N N 68 
DT  H71    H  N N 69 
DT  H72    H  N N 70 
DT  H73    H  N N 71 
DT  H6     H  N N 72 
HOH O      O  N N 73 
HOH H1     H  N N 74 
HOH H2     H  N N 75 
NA  NA     NA N N 76 
# 
loop_
_chem_comp_bond.comp_id 
_chem_comp_bond.atom_id_1 
_chem_comp_bond.atom_id_2 
_chem_comp_bond.value_order 
_chem_comp_bond.pdbx_aromatic_flag 
_chem_comp_bond.pdbx_stereo_config 
_chem_comp_bond.pdbx_ordinal 
DA  OP3   P      sing N N 1  
DA  OP3   HOP3   sing N N 2  
DA  P     OP1    doub N N 3  
DA  P     OP2    sing N N 4  
DA  P     "O5'"  sing N N 5  
DA  OP2   HOP2   sing N N 6  
DA  "O5'" "C5'"  sing N N 7  
DA  "C5'" "C4'"  sing N N 8  
DA  "C5'" "H5'"  sing N N 9  
DA  "C5'" "H5''" sing N N 10 
DA  "C4'" "O4'"  sing N N 11 
DA  "C4'" "C3'"  sing N N 12 
DA  "C4'" "H4'"  sing N N 13 
DA  "O4'" "C1'"  sing N N 14 
DA  "C3'" "O3'"  sing N N 15 
DA  "C3'" "C2'"  sing N N 16 
DA  "C3'" "H3'"  sing N N 17 
DA  "O3'" "HO3'" sing N N 18 
DA  "C2'" "C1'"  sing N N 19 
DA  "C2'" "H2'"  sing N N 20 
DA  "C2'" "H2''" sing N N 21 
DA  "C1'" N9     sing N N 22 
DA  "C1'" "H1'"  sing N N 23 
DA  N9    C8     sing Y N 24 
DA  N9    C4     sing Y N 25 
DA  C8    N7     doub Y N 26 
DA  C8    H8     sing N N 27 
DA  N7    C5     sing Y N 28 
DA  C5    C6     sing Y N 29 
DA  C5    C4     doub Y N 30 
DA  C6    N6     sing N N 31 
DA  C6    N1     doub Y N 32 
DA  N6    H61    sing N N 33 
DA  N6    H62    sing N N 34 
DA  N1    C2     sing Y N 35 
DA  C2    N3     doub Y N 36 
DA  C2    H2     sing N N 37 
DA  N3    C4     sing Y N 38 
DT  OP3   P      sing N N 39 
DT  OP3   HOP3   sing N N 40 
DT  P     OP1    doub N N 41 
DT  P     OP2    sing N N 42 
DT  P     "O5'"  sing N N 43 
DT  OP2   HOP2   sing N N 44 
DT  "O5'" "C5'"  sing N N 45 
DT  "C5'" "C4'"  sing N N 46 
DT  "C5'" "H5'"  sing N N 47 
DT  "C5'" "H5''" sing N N 48 
DT  "C4'" "O4'"  sing N N 49 
DT  "C4'" "C3'"  sing N N 50 
DT  "C4'" "H4'"  sing N N 51 
DT  "O4'" "C1'"  sing N N 52 
DT  "C3'" "O3'"  sing N N 53 
DT  "C3'" "C2'"  sing N N 54 
DT  "C3'" "H3'"  sing N N 55 
DT  "O3'" "HO3'" sing N N 56 
DT  "C2'" "C1'"  sing N N 57 
DT  "C2'" "H2'"  sing N N 58 
DT  "C2'" "H2''" sing N N 59 
DT  "C1'" N1     sing N N 60 
DT  "C1'" "H1'"  sing N N 61 
DT  N1    C2     sing N N 62 
DT  N1    C6     sing N N 63 
DT  C2    O2     doub N N 64 
DT  C2    N3     sing N N 65 
DT  N3    C4     sing N N 66 
DT  N3    H3     sing N N 67 
DT  C4    O4     doub N N 68 
DT  C4    C5     sing N N 69 
DT  C5    C7     sing N N 70 
DT  C5    C6     doub N N 71 
DT  C7    H71    sing N N 72 
DT  C7    H72    sing N N 73 
DT  C7    H73    sing N N 74 
DT  C6    H6     sing N N 75 
HOH O     H1     sing N N 76 
HOH O     H2     sing N N 77 
# 
_ndb_struct_conf_na.entry_id   1PLY 
_ndb_struct_conf_na.feature    'b-form double helix' 
# 
loop_
_ndb_struct_na_base_pair.model_number 
_ndb_struct_na_base_pair.i_label_asym_id 
_ndb_struct_na_base_pair.i_label_comp_id 
_ndb_struct_na_base_pair.i_label_seq_id 
_ndb_struct_na_base_pair.i_symmetry 
_ndb_struct_na_base_pair.j_label_asym_id 
_ndb_struct_na_base_pair.j_label_comp_id 
_ndb_struct_na_base_pair.j_label_seq_id 
_ndb_struct_na_base_pair.j_symmetry 
_ndb_struct_na_base_pair.shear 
_ndb_struct_na_base_pair.stretch 
_ndb_struct_na_base_pair.stagger 
_ndb_struct_na_base_pair.buckle 
_ndb_struct_na_base_pair.propeller 
_ndb_struct_na_base_pair.opening 
_ndb_struct_na_base_pair.pair_number 
_ndb_struct_na_base_pair.pair_name 
_ndb_struct_na_base_pair.i_auth_asym_id 
_ndb_struct_na_base_pair.i_auth_seq_id 
_ndb_struct_na_base_pair.i_PDB_ins_code 
_ndb_struct_na_base_pair.j_auth_asym_id 
_ndb_struct_na_base_pair.j_auth_seq_id 
_ndb_struct_na_base_pair.j_PDB_ins_code 
_ndb_struct_na_base_pair.hbond_type_28 
_ndb_struct_na_base_pair.hbond_type_12 
1 A DA 1 1_555 B DT 5 1_555 0.032 -0.095 0.070 -0.035 -12.023 -1.868 1 A_DA1:DT10_B A 1 ? B 10 ? 20 1 
1 A DA 2 1_555 B DT 4 1_555 0.032 -0.095 0.070 -0.043 -12.019 -1.863 2 A_DA2:DT9_B  A 2 ? B 9  ? 20 1 
1 A DA 3 1_555 B DT 3 1_555 0.032 -0.095 0.071 -0.025 -12.018 -1.874 3 A_DA3:DT8_B  A 3 ? B 8  ? 20 1 
1 A DA 4 1_555 B DT 2 1_555 0.031 -0.095 0.070 -0.019 -12.021 -1.863 4 A_DA4:DT7_B  A 4 ? B 7  ? 20 1 
1 A DA 5 1_555 B DT 1 1_555 0.032 -0.095 0.070 -0.040 -12.022 -1.868 5 A_DA5:DT6_B  A 5 ? B 6  ? 20 1 
# 
loop_
_ndb_struct_na_base_pair_step.model_number 
_ndb_struct_na_base_pair_step.i_label_asym_id_1 
_ndb_struct_na_base_pair_step.i_label_comp_id_1 
_ndb_struct_na_base_pair_step.i_label_seq_id_1 
_ndb_struct_na_base_pair_step.i_symmetry_1 
_ndb_struct_na_base_pair_step.j_label_asym_id_1 
_ndb_struct_na_base_pair_step.j_label_comp_id_1 
_ndb_struct_na_base_pair_step.j_label_seq_id_1 
_ndb_struct_na_base_pair_step.j_symmetry_1 
_ndb_struct_na_base_pair_step.i_label_asym_id_2 
_ndb_struct_na_base_pair_step.i_label_comp_id_2 
_ndb_struct_na_base_pair_step.i_label_seq_id_2 
_ndb_struct_na_base_pair_step.i_symmetry_2 
_ndb_struct_na_base_pair_step.j_label_asym_id_2 
_ndb_struct_na_base_pair_step.j_label_comp_id_2 
_ndb_struct_na_base_pair_step.j_label_seq_id_2 
_ndb_struct_na_base_pair_step.j_symmetry_2 
_ndb_struct_na_base_pair_step.shift 
_ndb_struct_na_base_pair_step.slide 
_ndb_struct_na_base_pair_step.rise 
_ndb_struct_na_base_pair_step.tilt 
_ndb_struct_na_base_pair_step.roll 
_ndb_struct_na_base_pair_step.twist 
_ndb_struct_na_base_pair_step.x_displacement 
_ndb_struct_na_base_pair_step.y_displacement 
_ndb_struct_na_base_pair_step.helical_rise 
_ndb_struct_na_base_pair_step.inclination 
_ndb_struct_na_base_pair_step.tip 
_ndb_struct_na_base_pair_step.helical_twist 
_ndb_struct_na_base_pair_step.step_number 
_ndb_struct_na_base_pair_step.step_name 
_ndb_struct_na_base_pair_step.i_auth_asym_id_1 
_ndb_struct_na_base_pair_step.i_auth_seq_id_1 
_ndb_struct_na_base_pair_step.i_PDB_ins_code_1 
_ndb_struct_na_base_pair_step.j_auth_asym_id_1 
_ndb_struct_na_base_pair_step.j_auth_seq_id_1 
_ndb_struct_na_base_pair_step.j_PDB_ins_code_1 
_ndb_struct_na_base_pair_step.i_auth_asym_id_2 
_ndb_struct_na_base_pair_step.i_auth_seq_id_2 
_ndb_struct_na_base_pair_step.i_PDB_ins_code_2 
_ndb_struct_na_base_pair_step.j_auth_asym_id_2 
_ndb_struct_na_base_pair_step.j_auth_seq_id_2 
_ndb_struct_na_base_pair_step.j_PDB_ins_code_2 
1 A DA 1 1_555 B DT 5 1_555 A DA 2 1_555 B DT 4 1_555 0.139 -0.341 3.219 1.071 -4.418 35.724 0.071 -0.074 3.240 -7.165 -1.737 
36.002 1 AA_DA1DA2:DT9DT10_BB A 1 ? B 10 ? A 2 ? B 9 ? 
1 A DA 2 1_555 B DT 4 1_555 A DA 3 1_555 B DT 3 1_555 0.139 -0.342 3.219 1.085 -4.400 35.719 0.068 -0.071 3.239 -7.138 -1.760 
35.996 2 AA_DA2DA3:DT8DT9_BB  A 2 ? B 9  ? A 3 ? B 8 ? 
1 A DA 3 1_555 B DT 3 1_555 A DA 4 1_555 B DT 2 1_555 0.139 -0.341 3.219 1.081 -4.409 35.721 0.069 -0.072 3.240 -7.151 -1.754 
35.999 3 AA_DA3DA4:DT7DT8_BB  A 3 ? B 8  ? A 4 ? B 7 ? 
1 A DA 4 1_555 B DT 2 1_555 A DA 5 1_555 B DT 1 1_555 0.139 -0.341 3.220 1.081 -4.420 35.727 0.071 -0.072 3.240 -7.168 -1.754 
36.007 4 AA_DA4DA5:DT6DT7_BB  A 4 ? B 7  ? A 5 ? B 6 ? 
# 
_atom_sites.entry_id                    1PLY 
_atom_sites.fract_transf_matrix[1][1]   0.01048315 
_atom_sites.fract_transf_matrix[1][2]   0.01474395 
_atom_sites.fract_transf_matrix[1][3]   0.05161475 
_atom_sites.fract_transf_matrix[2][1]   0.02968533 
_atom_sites.fract_transf_matrix[2][2]   -0.03158775 
_atom_sites.fract_transf_matrix[2][3]   0.01114782 
_atom_sites.fract_transf_matrix[3][1]   0.02297035 
_atom_sites.fract_transf_matrix[3][2]   0.01811431 
_atom_sites.fract_transf_matrix[3][3]   -0.00983978 
_atom_sites.fract_transf_vector[1]      -0.005275 
_atom_sites.fract_transf_vector[2]      0.032416 
_atom_sites.fract_transf_vector[3]      0.197641 
# 
loop_
_atom_type.symbol 
C  
H  
N  
NA 
O  
P  
# 
loop_
_atom_site.group_PDB 
_atom_site.id 
_atom_site.type_symbol 
_atom_site.label_atom_id 
_atom_site.label_alt_id 
_atom_site.label_comp_id 
_atom_site.label_asym_id 
_atom_site.label_entity_id 
_atom_site.label_seq_id 
_atom_site.pdbx_PDB_ins_code 
_atom_site.Cartn_x 
_atom_site.Cartn_y 
_atom_site.Cartn_z 
_atom_site.occupancy 
_atom_site.B_iso_or_equiv 
_atom_site.pdbx_formal_charge 
_atom_site.auth_seq_id 
_atom_site.auth_comp_id 
_atom_site.auth_asym_id 
_atom_site.auth_atom_id 
_atom_site.pdbx_PDB_model_num 
ATOM   1   P  P      . DA  A 1 1 ? -13.289 2.253   3.076   1.00 4.00 ? 1  DA  A P      1 
ATOM   2   O  OP1    . DA  A 1 1 ? -13.027 3.068   1.868   1.00 4.00 ? 1  DA  A OP1    1 
ATOM   3   O  OP2    . DA  A 1 1 ? -14.662 2.323   3.622   1.00 4.00 ? 1  DA  A OP2    1 
ATOM   4   O  "O5'"  . DA  A 1 1 ? -12.237 2.634   4.219   1.00 4.00 ? 1  DA  A "O5'"  1 
ATOM   5   C  "C5'"  . DA  A 1 1 ? -12.018 1.712   5.303   1.00 4.00 ? 1  DA  A "C5'"  1 
ATOM   6   C  "C4'"  . DA  A 1 1 ? -10.537 1.432   5.456   1.00 4.00 ? 1  DA  A "C4'"  1 
ATOM   7   O  "O4'"  . DA  A 1 1 ? -10.069 0.418   4.521   1.00 4.00 ? 1  DA  A "O4'"  1 
ATOM   8   C  "C3'"  . DA  A 1 1 ? -9.606  2.620   5.213   1.00 4.00 ? 1  DA  A "C3'"  1 
ATOM   9   O  "O3'"  . DA  A 1 1 ? -8.570  2.599   6.186   1.00 4.00 ? 1  DA  A "O3'"  1 
ATOM   10  C  "C2'"  . DA  A 1 1 ? -8.999  2.336   3.839   1.00 4.00 ? 1  DA  A "C2'"  1 
ATOM   11  C  "C1'"  . DA  A 1 1 ? -8.770  0.864   4.164   1.00 4.00 ? 1  DA  A "C1'"  1 
ATOM   12  N  N9     . DA  A 1 1 ? -8.272  0.066   3.007   1.00 4.00 ? 1  DA  A N9     1 
ATOM   13  C  C8     . DA  A 1 1 ? -8.688  0.107   1.708   1.00 4.00 ? 1  DA  A C8     1 
ATOM   14  N  N7     . DA  A 1 1 ? -8.056  -0.716  0.930   1.00 4.00 ? 1  DA  A N7     1 
ATOM   15  C  C5     . DA  A 1 1 ? -7.155  -1.350  1.773   1.00 4.00 ? 1  DA  A C5     1 
ATOM   16  C  C6     . DA  A 1 1 ? -6.187  -2.342  1.551   1.00 4.00 ? 1  DA  A C6     1 
ATOM   17  N  N6     . DA  A 1 1 ? -5.956  -2.895  0.352   1.00 4.00 ? 1  DA  A N6     1 
ATOM   18  N  N1     . DA  A 1 1 ? -5.462  -2.748  2.609   1.00 4.00 ? 1  DA  A N1     1 
ATOM   19  C  C2     . DA  A 1 1 ? -5.696  -2.195  3.799   1.00 4.00 ? 1  DA  A C2     1 
ATOM   20  N  N3     . DA  A 1 1 ? -6.567  -1.266  4.125   1.00 4.00 ? 1  DA  A N3     1 
ATOM   21  C  C4     . DA  A 1 1 ? -7.280  -0.877  3.048   1.00 4.00 ? 1  DA  A C4     1 
ATOM   22  H  "H5'"  . DA  A 1 1 ? -12.546 0.780   5.099   1.00 4.00 ? 1  DA  A "H5'"  1 
ATOM   23  H  "H5''" . DA  A 1 1 ? -12.406 2.140   6.228   1.00 4.00 ? 1  DA  A "H5''" 1 
ATOM   24  H  "H4'"  . DA  A 1 1 ? -10.345 1.016   6.445   1.00 4.00 ? 1  DA  A "H4'"  1 
ATOM   25  H  "H3'"  . DA  A 1 1 ? -10.171 3.548   5.302   1.00 4.00 ? 1  DA  A "H3'"  1 
ATOM   26  H  "H2'"  . DA  A 1 1 ? -9.756  2.489   3.069   1.00 4.00 ? 1  DA  A "H2'"  1 
ATOM   27  H  "H2''" . DA  A 1 1 ? -8.072  2.897   3.728   1.00 4.00 ? 1  DA  A "H2''" 1 
ATOM   28  H  "H1'"  . DA  A 1 1 ? -8.068  0.779   4.993   1.00 4.00 ? 1  DA  A "H1'"  1 
ATOM   29  H  H8     . DA  A 1 1 ? -9.413  0.716   1.386   1.00 4.00 ? 1  DA  A H8     1 
ATOM   30  H  H61    . DA  A 1 1 ? -5.253  -3.600  0.252   1.00 4.00 ? 1  DA  A H61    1 
ATOM   31  H  H62    . DA  A 1 1 ? -6.487  -2.604  -0.444  1.00 4.00 ? 1  DA  A H62    1 
ATOM   32  H  H2     . DA  A 1 1 ? -5.128  -2.533  4.549   1.00 4.00 ? 1  DA  A H2     1 
ATOM   33  P  P      . DA  A 1 2 ? -8.423  3.837   7.189   1.00 4.00 ? 2  DA  A P      1 
ATOM   34  O  OP1    . DA  A 1 2 ? -9.498  3.783   8.206   1.00 4.00 ? 2  DA  A OP1    1 
ATOM   35  O  OP2    . DA  A 1 2 ? -8.325  5.095   6.415   1.00 4.00 ? 2  DA  A OP2    1 
ATOM   36  O  "O5'"  . DA  A 1 2 ? -7.015  3.520   7.879   1.00 4.00 ? 2  DA  A "O5'"  1 
ATOM   37  C  "C5'"  . DA  A 1 2 ? -6.741  2.178   8.322   1.00 4.00 ? 2  DA  A "C5'"  1 
ATOM   38  C  "C4'"  . DA  A 1 2 ? -5.415  1.706   7.757   1.00 4.00 ? 2  DA  A "C4'"  1 
ATOM   39  O  "O4'"  . DA  A 1 2 ? -5.542  1.213   6.392   1.00 4.00 ? 2  DA  A "O4'"  1 
ATOM   40  C  "C3'"  . DA  A 1 2 ? -4.315  2.764   7.670   1.00 4.00 ? 2  DA  A "C3'"  1 
ATOM   41  O  "O3'"  . DA  A 1 2 ? -3.081  2.177   8.064   1.00 4.00 ? 2  DA  A "O3'"  1 
ATOM   42  C  "C2'"  . DA  A 1 2 ? -4.249  3.103   6.181   1.00 4.00 ? 2  DA  A "C2'"  1 
ATOM   43  C  "C1'"  . DA  A 1 2 ? -4.340  1.638   5.769   1.00 4.00 ? 2  DA  A "C1'"  1 
ATOM   44  N  N9     . DA  A 1 2 ? -4.447  1.435   4.297   1.00 4.00 ? 2  DA  A N9     1 
ATOM   45  C  C8     . DA  A 1 2 ? -5.206  2.128   3.399   1.00 4.00 ? 2  DA  A C8     1 
ATOM   46  N  N7     . DA  A 1 2 ? -5.083  1.712   2.177   1.00 4.00 ? 2  DA  A N7     1 
ATOM   47  C  C5     . DA  A 1 2 ? -4.177  0.664   2.269   1.00 4.00 ? 2  DA  A C5     1 
ATOM   48  C  C6     . DA  A 1 2 ? -3.627  -0.199  1.308   1.00 4.00 ? 2  DA  A C6     1 
ATOM   49  N  N6     . DA  A 1 2 ? -3.926  -0.140  0.002   1.00 4.00 ? 2  DA  A N6     1 
ATOM   50  N  N1     . DA  A 1 2 ? -2.757  -1.131  1.739   1.00 4.00 ? 2  DA  A N1     1 
ATOM   51  C  C2     . DA  A 1 2 ? -2.465  -1.185  3.038   1.00 4.00 ? 2  DA  A C2     1 
ATOM   52  N  N3     . DA  A 1 2 ? -2.913  -0.437  4.022   1.00 4.00 ? 2  DA  A N3     1 
ATOM   53  C  C4     . DA  A 1 2 ? -3.783  0.487   3.564   1.00 4.00 ? 2  DA  A C4     1 
ATOM   54  H  "H5'"  . DA  A 1 2 ? -7.536  1.514   7.983   1.00 4.00 ? 2  DA  A "H5'"  1 
ATOM   55  H  "H5''" . DA  A 1 2 ? -6.701  2.155   9.411   1.00 4.00 ? 2  DA  A "H5''" 1 
ATOM   56  H  "H4'"  . DA  A 1 2 ? -5.055  0.855   8.335   1.00 4.00 ? 2  DA  A "H4'"  1 
ATOM   57  H  "H3'"  . DA  A 1 2 ? -4.553  3.592   8.338   1.00 4.00 ? 2  DA  A "H3'"  1 
ATOM   58  H  "H2'"  . DA  A 1 2 ? -5.130  3.679   5.900   1.00 4.00 ? 2  DA  A "H2'"  1 
ATOM   59  H  "H2''" . DA  A 1 2 ? -3.281  3.549   5.952   1.00 4.00 ? 2  DA  A "H2''" 1 
ATOM   60  H  "H1'"  . DA  A 1 2 ? -3.471  1.098   6.148   1.00 4.00 ? 2  DA  A "H1'"  1 
ATOM   61  H  H8     . DA  A 1 2 ? -5.801  2.890   3.659   1.00 4.00 ? 2  DA  A H8     1 
ATOM   62  H  H61    . DA  A 1 2 ? -3.502  -0.782  -0.637  1.00 4.00 ? 2  DA  A H61    1 
ATOM   63  H  H62    . DA  A 1 2 ? -4.571  0.547   -0.333  1.00 4.00 ? 2  DA  A H62    1 
ATOM   64  H  H2     . DA  A 1 2 ? -1.813  -1.896  3.302   1.00 4.00 ? 2  DA  A H2     1 
ATOM   65  P  P      . DA  A 1 3 ? -2.310  2.772   9.335   1.00 4.00 ? 3  DA  A P      1 
ATOM   66  O  OP1    . DA  A 1 3 ? -3.003  2.354   10.574  1.00 4.00 ? 3  DA  A OP1    1 
ATOM   67  O  OP2    . DA  A 1 3 ? -2.112  4.226   9.160   1.00 4.00 ? 3  DA  A OP2    1 
ATOM   68  O  "O5'"  . DA  A 1 3 ? -0.901  2.021   9.228   1.00 4.00 ? 3  DA  A "O5'"  1 
ATOM   69  C  "C5'"  . DA  A 1 3 ? -0.881  0.609   8.949   1.00 4.00 ? 3  DA  A "C5'"  1 
ATOM   70  C  "C4'"  . DA  A 1 3 ? 0.035   0.325   7.774   1.00 4.00 ? 3  DA  A "C4'"  1 
ATOM   71  O  "O4'"  . DA  A 1 3 ? -0.624  0.553   6.495   1.00 4.00 ? 3  DA  A "O4'"  1 
ATOM   72  C  "C3'"  . DA  A 1 3 ? 1.302   1.177   7.698   1.00 4.00 ? 3  DA  A "C3'"  1 
ATOM   73  O  "O3'"  . DA  A 1 3 ? 2.390   0.350   7.307   1.00 4.00 ? 3  DA  A "O3'"  1 
ATOM   74  C  "C2'"  . DA  A 1 3 ? 1.008   2.171   6.574   1.00 4.00 ? 3  DA  A "C2'"  1 
ATOM   75  C  "C1'"  . DA  A 1 3 ? 0.404   1.094   5.680   1.00 4.00 ? 3  DA  A "C1'"  1 
ATOM   76  N  N9     . DA  A 1 3 ? -0.191  1.625   4.421   1.00 4.00 ? 3  DA  A N9     1 
ATOM   77  C  C8     . DA  A 1 3 ? -0.965  2.735   4.253   1.00 4.00 ? 3  DA  A C8     1 
ATOM   78  N  N7     . DA  A 1 3 ? -1.333  2.937   3.025   1.00 4.00 ? 3  DA  A N7     1 
ATOM   79  C  C5     . DA  A 1 3 ? -0.760  1.882   2.326   1.00 4.00 ? 3  DA  A C5     1 
ATOM   80  C  C6     . DA  A 1 3 ? -0.779  1.523   0.969   1.00 4.00 ? 3  DA  A C6     1 
ATOM   81  N  N6     . DA  A 1 3 ? -1.426  2.225   0.027   1.00 4.00 ? 3  DA  A N6     1 
ATOM   82  N  N1     . DA  A 1 3 ? -0.105  0.414   0.613   1.00 4.00 ? 3  DA  A N1     1 
ATOM   83  C  C2     . DA  A 1 3 ? 0.537   -0.278  1.553   1.00 4.00 ? 3  DA  A C2     1 
ATOM   84  N  N3     . DA  A 1 3 ? 0.624   -0.042  2.843   1.00 4.00 ? 3  DA  A N3     1 
ATOM   85  C  C4     . DA  A 1 3 ? -0.059  1.074   3.174   1.00 4.00 ? 3  DA  A C4     1 
ATOM   86  H  "H5'"  . DA  A 1 3 ? -1.890  0.270   8.713   1.00 4.00 ? 3  DA  A "H5'"  1 
ATOM   87  H  "H5''" . DA  A 1 3 ? -0.525  0.069   9.826   1.00 4.00 ? 3  DA  A "H5''" 1 
ATOM   88  H  "H4'"  . DA  A 1 3 ? 0.306   -0.731  7.772   1.00 4.00 ? 3  DA  A "H4'"  1 
ATOM   89  H  "H3'"  . DA  A 1 3 ? 1.508   1.611   8.677   1.00 4.00 ? 3  DA  A "H3'"  1 
ATOM   90  H  "H2'"  . DA  A 1 3 ? 0.274   2.900   6.917   1.00 4.00 ? 3  DA  A "H2'"  1 
ATOM   91  H  "H2''" . DA  A 1 3 ? 1.945   2.570   6.187   1.00 4.00 ? 3  DA  A "H2''" 1 
ATOM   92  H  "H1'"  . DA  A 1 3 ? 1.166   0.353   5.438   1.00 4.00 ? 3  DA  A "H1'"  1 
ATOM   93  H  H8     . DA  A 1 3 ? -1.225  3.340   5.005   1.00 4.00 ? 3  DA  A H8     1 
ATOM   94  H  H61    . DA  A 1 3 ? -1.405  1.921   -0.926  1.00 4.00 ? 3  DA  A H61    1 
ATOM   95  H  H62    . DA  A 1 3 ? -1.932  3.051   0.278   1.00 4.00 ? 3  DA  A H62    1 
ATOM   96  H  H2     . DA  A 1 3 ? 1.020   -1.092  1.232   1.00 4.00 ? 3  DA  A H2     1 
ATOM   97  P  P      . DA  A 1 4 ? 3.636   0.187   8.298   1.00 4.00 ? 4  DA  A P      1 
ATOM   98  O  OP1    . DA  A 1 4 ? 3.261   -0.692  9.427   1.00 4.00 ? 4  DA  A OP1    1 
ATOM   99  O  OP2    . DA  A 1 4 ? 4.159   1.523   8.660   1.00 4.00 ? 4  DA  A OP2    1 
ATOM   100 O  "O5'"  . DA  A 1 4 ? 4.691   -0.565  7.358   1.00 4.00 ? 4  DA  A "O5'"  1 
ATOM   101 C  "C5'"  . DA  A 1 4 ? 4.243   -1.670  6.552   1.00 4.00 ? 4  DA  A "C5'"  1 
ATOM   102 C  "C4'"  . DA  A 1 4 ? 4.652   -1.458  5.107   1.00 4.00 ? 4  DA  A "C4'"  1 
ATOM   103 O  "O4'"  . DA  A 1 4 ? 3.727   -0.585  4.396   1.00 4.00 ? 4  DA  A "O4'"  1 
ATOM   104 C  "C3'"  . DA  A 1 4 ? 6.019   -0.808  4.892   1.00 4.00 ? 4  DA  A "C3'"  1 
ATOM   105 O  "O3'"  . DA  A 1 4 ? 6.672   -1.460  3.810   1.00 4.00 ? 4  DA  A "O3'"  1 
ATOM   106 C  "C2'"  . DA  A 1 4 ? 5.682   0.624   4.475   1.00 4.00 ? 4  DA  A "C2'"  1 
ATOM   107 C  "C1'"  . DA  A 1 4 ? 4.570   0.167   3.537   1.00 4.00 ? 4  DA  A "C1'"  1 
ATOM   108 N  N9     . DA  A 1 4 ? 3.793   1.289   2.939   1.00 4.00 ? 4  DA  A N9     1 
ATOM   109 C  C8     . DA  A 1 4 ? 3.334   2.422   3.548   1.00 4.00 ? 4  DA  A C8     1 
ATOM   110 N  N7     . DA  A 1 4 ? 2.685   3.216   2.755   1.00 4.00 ? 4  DA  A N7     1 
ATOM   111 C  C5     . DA  A 1 4 ? 2.713   2.564   1.530   1.00 4.00 ? 4  DA  A C5     1 
ATOM   112 C  C6     . DA  A 1 4 ? 2.193   2.895   0.269   1.00 4.00 ? 4  DA  A C6     1 
ATOM   113 N  N6     . DA  A 1 4 ? 1.507   4.023   0.023   1.00 4.00 ? 4  DA  A N6     1 
ATOM   114 N  N1     . DA  A 1 4 ? 2.401   2.024   -0.736  1.00 4.00 ? 4  DA  A N1     1 
ATOM   115 C  C2     . DA  A 1 4 ? 3.082   0.906   -0.485  1.00 4.00 ? 4  DA  A C2     1 
ATOM   116 N  N3     . DA  A 1 4 ? 3.613   0.494   0.645   1.00 4.00 ? 4  DA  A N3     1 
ATOM   117 C  C4     . DA  A 1 4 ? 3.390   1.384   1.634   1.00 4.00 ? 4  DA  A C4     1 
ATOM   118 H  "H5'"  . DA  A 1 4 ? 3.157   -1.749  6.614   1.00 4.00 ? 4  DA  A "H5'"  1 
ATOM   119 H  "H5''" . DA  A 1 4 ? 4.685   -2.595  6.922   1.00 4.00 ? 4  DA  A "H5''" 1 
ATOM   120 H  "H4'"  . DA  A 1 4 ? 4.613   -2.408  4.574   1.00 4.00 ? 4  DA  A "H4'"  1 
ATOM   121 H  "H3'"  . DA  A 1 4 ? 6.618   -0.914  5.796   1.00 4.00 ? 4  DA  A "H3'"  1 
ATOM   122 H  "H2'"  . DA  A 1 4 ? 5.310   1.176   5.339   1.00 4.00 ? 4  DA  A "H2'"  1 
ATOM   123 H  "H2''" . DA  A 1 4 ? 6.532   1.058   3.948   1.00 4.00 ? 4  DA  A "H2''" 1 
ATOM   124 H  "H1'"  . DA  A 1 4 ? 4.993   -0.445  2.742   1.00 4.00 ? 4  DA  A "H1'"  1 
ATOM   125 H  H8     . DA  A 1 4 ? 3.485   2.620   4.516   1.00 4.00 ? 4  DA  A H8     1 
ATOM   126 H  H61    . DA  A 1 4 ? 1.160   4.205   -0.896  1.00 4.00 ? 4  DA  A H61    1 
ATOM   127 H  H62    . DA  A 1 4 ? 1.344   4.678   0.759   1.00 4.00 ? 4  DA  A H62    1 
ATOM   128 H  H2     . DA  A 1 4 ? 3.208   0.296   -1.267  1.00 4.00 ? 4  DA  A H2     1 
ATOM   129 P  P      . DA  A 1 5 ? 8.065   -2.200  4.079   1.00 4.00 ? 5  DA  A P      1 
ATOM   130 O  OP1    . DA  A 1 5 ? 7.822   -3.466  4.809   1.00 4.00 ? 5  DA  A OP1    1 
ATOM   131 O  OP2    . DA  A 1 5 ? 9.014   -1.257  4.713   1.00 4.00 ? 5  DA  A OP2    1 
ATOM   132 O  "O5'"  . DA  A 1 5 ? 8.544   -2.524  2.588   1.00 4.00 ? 5  DA  A "O5'"  1 
ATOM   133 C  "C5'"  . DA  A 1 5 ? 7.593   -3.063  1.650   1.00 4.00 ? 5  DA  A "C5'"  1 
ATOM   134 C  "C4'"  . DA  A 1 5 ? 7.592   -2.236  0.379   1.00 4.00 ? 5  DA  A "C4'"  1 
ATOM   135 O  "O4'"  . DA  A 1 5 ? 6.771   -1.040  0.502   1.00 4.00 ? 5  DA  A "O4'"  1 
ATOM   136 C  "C3'"  . DA  A 1 5 ? 8.955   -1.707  -0.071  1.00 4.00 ? 5  DA  A "C3'"  1 
ATOM   137 O  "O3'"  . DA  A 1 5 ? 9.053   -1.834  -1.484  1.00 4.00 ? 5  DA  A "O3'"  1 
ATOM   138 C  "C2'"  . DA  A 1 5 ? 8.909   -0.223  0.290   1.00 4.00 ? 5  DA  A "C2'"  1 
ATOM   139 C  "C1'"  . DA  A 1 5 ? 7.487   -0.062  -0.236  1.00 4.00 ? 5  DA  A "C1'"  1 
ATOM   140 N  N9     . DA  A 1 5 ? 6.901   1.282   0.023   1.00 4.00 ? 5  DA  A N9     1 
ATOM   141 C  C8     . DA  A 1 5 ? 6.971   2.033   1.160   1.00 4.00 ? 5  DA  A C8     1 
ATOM   142 N  N7     . DA  A 1 5 ? 6.354   3.170   1.076   1.00 4.00 ? 5  DA  A N7     1 
ATOM   143 C  C5     . DA  A 1 5 ? 5.837   3.178   -0.212  1.00 4.00 ? 5  DA  A C5     1 
ATOM   144 C  C6     . DA  A 1 5 ? 5.072   4.118   -0.920  1.00 4.00 ? 5  DA  A C6     1 
ATOM   145 N  N6     . DA  A 1 5 ? 4.677   5.290   -0.404  1.00 4.00 ? 5  DA  A N6     1 
ATOM   146 N  N1     . DA  A 1 5 ? 4.726   3.809   -2.184  1.00 4.00 ? 5  DA  A N1     1 
ATOM   147 C  C2     . DA  A 1 5 ? 5.122   2.642   -2.691  1.00 4.00 ? 5  DA  A C2     1 
ATOM   148 N  N3     . DA  A 1 5 ? 5.834   1.691   -2.128  1.00 4.00 ? 5  DA  A N3     1 
ATOM   149 C  C4     . DA  A 1 5 ? 6.167   2.025   -0.864  1.00 4.00 ? 5  DA  A C4     1 
ATOM   150 H  "H5'"  . DA  A 1 5 ? 6.598   -3.048  2.094   1.00 4.00 ? 5  DA  A "H5'"  1 
ATOM   151 H  "H5''" . DA  A 1 5 ? 7.860   -4.093  1.414   1.00 4.00 ? 5  DA  A "H5''" 1 
ATOM   152 H  "H4'"  . DA  A 1 5 ? 7.141   -2.811  -0.429  1.00 4.00 ? 5  DA  A "H4'"  1 
ATOM   153 H  "H3'"  . DA  A 1 5 ? 9.745   -2.290  0.401   1.00 4.00 ? 5  DA  A "H3'"  1 
ATOM   154 H  "H2'"  . DA  A 1 5 ? 8.978   -0.110  1.373   1.00 4.00 ? 5  DA  A "H2'"  1 
ATOM   155 H  "H2''" . DA  A 1 5 ? 9.646   0.318   -0.303  1.00 4.00 ? 5  DA  A "H2''" 1 
ATOM   156 H  "H1'"  . DA  A 1 5 ? 7.470   -0.266  -1.307  1.00 4.00 ? 5  DA  A "H1'"  1 
ATOM   157 H  H8     . DA  A 1 5 ? 7.453   1.733   1.984   1.00 4.00 ? 5  DA  A H8     1 
ATOM   158 H  H61    . DA  A 1 5 ? 4.133   5.922   -0.956  1.00 4.00 ? 5  DA  A H61    1 
ATOM   159 H  H62    . DA  A 1 5 ? 4.927   5.534   0.534   1.00 4.00 ? 5  DA  A H62    1 
ATOM   160 H  H2     . DA  A 1 5 ? 4.837   2.465   -3.633  1.00 4.00 ? 5  DA  A H2     1 
ATOM   161 P  P      . DT  B 2 1 ? 0.519   10.145  -9.033  1.00 4.00 ? 6  DT  B P      1 
ATOM   162 O  OP1    . DT  B 2 1 ? -0.647  10.259  -8.130  1.00 4.00 ? 6  DT  B OP1    1 
ATOM   163 O  OP2    . DT  B 2 1 ? 0.533   11.062  -10.195 1.00 4.00 ? 6  DT  B OP2    1 
ATOM   164 O  "O5'"  . DT  B 2 1 ? 0.662   8.634   -9.540  1.00 4.00 ? 6  DT  B "O5'"  1 
ATOM   165 C  "C5'"  . DT  B 2 1 ? 1.944   8.169   -9.998  1.00 4.00 ? 6  DT  B "C5'"  1 
ATOM   166 C  "C4'"  . DT  B 2 1 ? 2.234   6.796   -9.425  1.00 4.00 ? 6  DT  B "C4'"  1 
ATOM   167 O  "O4'"  . DT  B 2 1 ? 2.752   6.912   -8.069  1.00 4.00 ? 6  DT  B "O4'"  1 
ATOM   168 C  "C3'"  . DT  B 2 1 ? 1.036   5.853   -9.316  1.00 4.00 ? 6  DT  B "C3'"  1 
ATOM   169 O  "O3'"  . DT  B 2 1 ? 1.454   4.537   -9.653  1.00 4.00 ? 6  DT  B "O3'"  1 
ATOM   170 C  "C2'"  . DT  B 2 1 ? 0.697   5.915   -7.828  1.00 4.00 ? 6  DT  B "C2'"  1 
ATOM   171 C  "C1'"  . DT  B 2 1 ? 2.135   5.876   -7.321  1.00 4.00 ? 6  DT  B "C1'"  1 
ATOM   172 N  N1     . DT  B 2 1 ? 2.266   6.166   -5.867  1.00 4.00 ? 6  DT  B N1     1 
ATOM   173 C  C2     . DT  B 2 1 ? 3.048   5.312   -5.126  1.00 4.00 ? 6  DT  B C2     1 
ATOM   174 O  O2     . DT  B 2 1 ? 3.623   4.353   -5.610  1.00 4.00 ? 6  DT  B O2     1 
ATOM   175 N  N3     . DT  B 2 1 ? 3.146   5.612   -3.782  1.00 4.00 ? 6  DT  B N3     1 
ATOM   176 C  C4     . DT  B 2 1 ? 2.541   6.670   -3.133  1.00 4.00 ? 6  DT  B C4     1 
ATOM   177 O  O4     . DT  B 2 1 ? 2.702   6.837   -1.922  1.00 4.00 ? 6  DT  B O4     1 
ATOM   178 C  C5     . DT  B 2 1 ? 1.740   7.509   -3.993  1.00 4.00 ? 6  DT  B C5     1 
ATOM   179 C  C7     . DT  B 2 1 ? 1.046   8.682   -3.366  1.00 4.00 ? 6  DT  B C7     1 
ATOM   180 C  C6     . DT  B 2 1 ? 1.627   7.240   -5.303  1.00 4.00 ? 6  DT  B C6     1 
ATOM   181 H  "H5'"  . DT  B 2 1 ? 2.720   8.867   -9.680  1.00 4.00 ? 6  DT  B "H5'"  1 
ATOM   182 H  "H5''" . DT  B 2 1 ? 1.943   8.117   -11.088 1.00 4.00 ? 6  DT  B "H5''" 1 
ATOM   183 H  "H4'"  . DT  B 2 1 ? 3.022   6.317   -10.008 1.00 4.00 ? 6  DT  B "H4'"  1 
ATOM   184 H  "H3'"  . DT  B 2 1 ? 0.257   6.175   -10.009 1.00 4.00 ? 6  DT  B "H3'"  1 
ATOM   185 H  "H2'"  . DT  B 2 1 ? 0.221   6.870   -7.602  1.00 4.00 ? 6  DT  B "H2'"  1 
ATOM   186 H  "H2''" . DT  B 2 1 ? 0.148   5.017   -7.542  1.00 4.00 ? 6  DT  B "H2''" 1 
ATOM   187 H  "H1'"  . DT  B 2 1 ? 2.570   4.900   -7.538  1.00 4.00 ? 6  DT  B "H1'"  1 
ATOM   188 H  H3     . DT  B 2 1 ? 3.710   5.005   -3.224  1.00 4.00 ? 6  DT  B H3     1 
ATOM   189 H  H71    . DT  B 2 1 ? 0.484   9.221   -4.129  1.00 4.00 ? 6  DT  B H71    1 
ATOM   190 H  H72    . DT  B 2 1 ? 0.365   8.331   -2.593  1.00 4.00 ? 6  DT  B H72    1 
ATOM   191 H  H73    . DT  B 2 1 ? 1.787   9.348   -2.923  1.00 4.00 ? 6  DT  B H73    1 
ATOM   192 H  H6     . DT  B 2 1 ? 1.069   7.835   -5.881  1.00 4.00 ? 6  DT  B H6     1 
ATOM   193 P  P      . DT  B 2 2 ? 0.568   3.676   -10.668 1.00 4.00 ? 7  DT  B P      1 
ATOM   194 O  OP1    . DT  B 2 2 ? 0.938   4.015   -12.061 1.00 4.00 ? 7  DT  B OP1    1 
ATOM   195 O  OP2    . DT  B 2 2 ? -0.864  3.822   -10.324 1.00 4.00 ? 7  DT  B OP2    1 
ATOM   196 O  "O5'"  . DT  B 2 2 ? 1.052   2.189   -10.331 1.00 4.00 ? 7  DT  B "O5'"  1 
ATOM   197 C  "C5'"  . DT  B 2 2 ? 2.454   1.946   -10.106 1.00 4.00 ? 7  DT  B "C5'"  1 
ATOM   198 C  "C4'"  . DT  B 2 2 ? 2.638   1.053   -8.895  1.00 4.00 ? 7  DT  B "C4'"  1 
ATOM   199 O  "O4'"  . DT  B 2 2 ? 2.570   1.839   -7.671  1.00 4.00 ? 7  DT  B "O4'"  1 
ATOM   200 C  "C3'"  . DT  B 2 2 ? 1.597   -0.052  -8.718  1.00 4.00 ? 7  DT  B "C3'"  1 
ATOM   201 O  "O3'"  . DT  B 2 2 ? 2.247   -1.226  -8.247  1.00 4.00 ? 7  DT  B "O3'"  1 
ATOM   202 C  "C2'"  . DT  B 2 2 ? 0.699   0.508   -7.615  1.00 4.00 ? 7  DT  B "C2'"  1 
ATOM   203 C  "C1'"  . DT  B 2 2 ? 1.821   1.066   -6.746  1.00 4.00 ? 7  DT  B "C1'"  1 
ATOM   204 N  N1     . DT  B 2 2 ? 1.342   1.940   -5.638  1.00 4.00 ? 7  DT  B N1     1 
ATOM   205 C  C2     . DT  B 2 2 ? 1.858   1.703   -4.387  1.00 4.00 ? 7  DT  B C2     1 
ATOM   206 O  O2     . DT  B 2 2 ? 2.673   0.824   -4.162  1.00 4.00 ? 7  DT  B O2     1 
ATOM   207 N  N3     . DT  B 2 2 ? 1.392   2.532   -3.387  1.00 4.00 ? 7  DT  B N3     1 
ATOM   208 C  C4     . DT  B 2 2 ? 0.475   3.554   -3.530  1.00 4.00 ? 7  DT  B C4     1 
ATOM   209 O  O4     . DT  B 2 2 ? 0.133   4.230   -2.558  1.00 4.00 ? 7  DT  B O4     1 
ATOM   210 C  C5     . DT  B 2 2 ? -0.009  3.725   -4.879  1.00 4.00 ? 7  DT  B C5     1 
ATOM   211 C  C7     . DT  B 2 2 ? -1.010  4.816   -5.124  1.00 4.00 ? 7  DT  B C7     1 
ATOM   212 C  C6     . DT  B 2 2 ? 0.429   2.933   -5.872  1.00 4.00 ? 7  DT  B C6     1 
ATOM   213 H  "H5'"  . DT  B 2 2 ? 2.965   2.894   -9.940  1.00 4.00 ? 7  DT  B "H5'"  1 
ATOM   214 H  "H5''" . DT  B 2 2 ? 2.882   1.461   -10.984 1.00 4.00 ? 7  DT  B "H5''" 1 
ATOM   215 H  "H4'"  . DT  B 2 2 ? 3.634   0.614   -8.916  1.00 4.00 ? 7  DT  B "H4'"  1 
ATOM   216 H  "H3'"  . DT  B 2 2 ? 1.121   -0.260  -9.676  1.00 4.00 ? 7  DT  B "H3'"  1 
ATOM   217 H  "H2'"  . DT  B 2 2 ? 0.076   1.304   -8.023  1.00 4.00 ? 7  DT  B "H2'"  1 
ATOM   218 H  "H2''" . DT  B 2 2 ? 0.179   -0.311  -7.119  1.00 4.00 ? 7  DT  B "H2''" 1 
ATOM   219 H  "H1'"  . DT  B 2 2 ? 2.404   0.243   -6.334  1.00 4.00 ? 7  DT  B "H1'"  1 
ATOM   220 H  H3     . DT  B 2 2 ? 1.754   2.378   -2.467  1.00 4.00 ? 7  DT  B H3     1 
ATOM   221 H  H71    . DT  B 2 2 ? -1.283  4.828   -6.179  1.00 4.00 ? 7  DT  B H71    1 
ATOM   222 H  H72    . DT  B 2 2 ? -1.899  4.634   -4.520  1.00 4.00 ? 7  DT  B H72    1 
ATOM   223 H  H73    . DT  B 2 2 ? -0.575  5.776   -4.850  1.00 4.00 ? 7  DT  B H73    1 
ATOM   224 H  H6     . DT  B 2 2 ? 0.079   3.070   -6.799  1.00 4.00 ? 7  DT  B H6     1 
ATOM   225 P  P      . DT  B 2 3 ? 1.922   -2.627  -8.948  1.00 4.00 ? 8  DT  B P      1 
ATOM   226 O  OP1    . DT  B 2 3 ? 2.770   -2.790  -10.151 1.00 4.00 ? 8  DT  B OP1    1 
ATOM   227 O  OP2    . DT  B 2 3 ? 0.462   -2.749  -9.161  1.00 4.00 ? 8  DT  B OP2    1 
ATOM   228 O  "O5'"  . DT  B 2 3 ? 2.388   -3.661  -7.819  1.00 4.00 ? 8  DT  B "O5'"  1 
ATOM   229 C  "C5'"  . DT  B 2 3 ? 3.608   -3.404  -7.098  1.00 4.00 ? 8  DT  B "C5'"  1 
ATOM   230 C  "C4'"  . DT  B 2 3 ? 3.397   -3.648  -5.617  1.00 4.00 ? 8  DT  B "C4'"  1 
ATOM   231 O  "O4'"  . DT  B 2 3 ? 2.775   -2.487  -4.996  1.00 4.00 ? 8  DT  B "O4'"  1 
ATOM   232 C  "C3'"  . DT  B 2 3 ? 2.490   -4.826  -5.259  1.00 4.00 ? 8  DT  B "C3'"  1 
ATOM   233 O  "O3'"  . DT  B 2 3 ? 3.024   -5.488  -4.120  1.00 4.00 ? 8  DT  B "O3'"  1 
ATOM   234 C  "C2'"  . DT  B 2 3 ? 1.180   -4.136  -4.879  1.00 4.00 ? 8  DT  B "C2'"  1 
ATOM   235 C  "C1'"  . DT  B 2 3 ? 1.810   -2.995  -4.088  1.00 4.00 ? 8  DT  B "C1'"  1 
ATOM   236 N  N1     . DT  B 2 3 ? 0.849   -1.916  -3.727  1.00 4.00 ? 8  DT  B N1     1 
ATOM   237 C  C2     . DT  B 2 3 ? 0.857   -1.481  -2.424  1.00 4.00 ? 8  DT  B C2     1 
ATOM   238 O  O2     . DT  B 2 3 ? 1.605   -1.938  -1.577  1.00 4.00 ? 8  DT  B O2     1 
ATOM   239 N  N3     . DT  B 2 3 ? -0.047  -0.480  -2.126  1.00 4.00 ? 8  DT  B N3     1 
ATOM   240 C  C4     . DT  B 2 3 ? -0.936  0.108   -3.004  1.00 4.00 ? 8  DT  B C4     1 
ATOM   241 O  O4     . DT  B 2 3 ? -1.698  0.998   -2.621  1.00 4.00 ? 8  DT  B O4     1 
ATOM   242 C  C5     . DT  B 2 3 ? -0.870  -0.415  -4.348  1.00 4.00 ? 8  DT  B C5     1 
ATOM   243 C  C7     . DT  B 2 3 ? -1.803  0.170   -5.367  1.00 4.00 ? 8  DT  B C7     1 
ATOM   244 C  C6     . DT  B 2 3 ? 0.000   -1.388  -4.665  1.00 4.00 ? 8  DT  B C6     1 
ATOM   245 H  "H5'"  . DT  B 2 3 ? 3.913   -2.370  -7.256  1.00 4.00 ? 8  DT  B "H5'"  1 
ATOM   246 H  "H5''" . DT  B 2 3 ? 4.393   -4.065  -7.467  1.00 4.00 ? 8  DT  B "H5''" 1 
ATOM   247 H  "H4'"  . DT  B 2 3 ? 4.363   -3.771  -5.128  1.00 4.00 ? 8  DT  B "H4'"  1 
ATOM   248 H  "H3'"  . DT  B 2 3 ? 2.451   -5.522  -6.098  1.00 4.00 ? 8  DT  B "H3'"  1 
ATOM   249 H  "H2'"  . DT  B 2 3 ? 0.687   -3.772  -5.781  1.00 4.00 ? 8  DT  B "H2'"  1 
ATOM   250 H  "H2''" . DT  B 2 3 ? 0.596   -4.794  -4.236  1.00 4.00 ? 8  DT  B "H2''" 1 
ATOM   251 H  "H1'"  . DT  B 2 3 ? 2.268   -3.392  -3.181  1.00 4.00 ? 8  DT  B "H1'"  1 
ATOM   252 H  H3     . DT  B 2 3 ? -0.058  -0.148  -1.184  1.00 4.00 ? 8  DT  B H3     1 
ATOM   253 H  H71    . DT  B 2 3 ? -1.643  -0.317  -6.329  1.00 4.00 ? 8  DT  B H71    1 
ATOM   254 H  H72    . DT  B 2 3 ? -2.834  0.012   -5.048  1.00 4.00 ? 8  DT  B H72    1 
ATOM   255 H  H73    . DT  B 2 3 ? -1.612  1.239   -5.464  1.00 4.00 ? 8  DT  B H73    1 
ATOM   256 H  H6     . DT  B 2 3 ? 0.028   -1.735  -5.601  1.00 4.00 ? 8  DT  B H6     1 
ATOM   257 P  P      . DT  B 2 4 ? 3.145   -7.084  -4.134  1.00 4.00 ? 9  DT  B P      1 
ATOM   258 O  OP1    . DT  B 2 4 ? 4.407   -7.479  -4.800  1.00 4.00 ? 9  DT  B OP1    1 
ATOM   259 O  OP2    . DT  B 2 4 ? 1.905   -7.670  -4.690  1.00 4.00 ? 9  DT  B OP2    1 
ATOM   260 O  "O5'"  . DT  B 2 4 ? 3.238   -7.408  -2.570  1.00 4.00 ? 9  DT  B "O5'"  1 
ATOM   261 C  "C5'"  . DT  B 2 4 ? 4.047   -6.564  -1.729  1.00 4.00 ? 9  DT  B "C5'"  1 
ATOM   262 C  "C4'"  . DT  B 2 4 ? 3.300   -6.240  -0.449  1.00 4.00 ? 9  DT  B "C4'"  1 
ATOM   263 O  "O4'"  . DT  B 2 4 ? 2.368   -5.142  -0.670  1.00 4.00 ? 9  DT  B "O4'"  1 
ATOM   264 C  "C3'"  . DT  B 2 4 ? 2.454   -7.372  0.134   1.00 4.00 ? 9  DT  B "C3'"  1 
ATOM   265 O  "O3'"  . DT  B 2 4 ? 2.566   -7.348  1.550   1.00 4.00 ? 9  DT  B "O3'"  1 
ATOM   266 C  "C2'"  . DT  B 2 4 ? 1.037   -6.970  -0.272  1.00 4.00 ? 9  DT  B "C2'"  1 
ATOM   267 C  "C1'"  . DT  B 2 4 ? 1.184   -5.483  0.033   1.00 4.00 ? 9  DT  B "C1'"  1 
ATOM   268 N  N1     . DT  B 2 4 ? 0.052   -4.654  -0.467  1.00 4.00 ? 9  DT  B N1     1 
ATOM   269 C  C2     . DT  B 2 4 ? -0.495  -3.748  0.410   1.00 4.00 ? 9  DT  B C2     1 
ATOM   270 O  O2     . DT  B 2 4 ? -0.093  -3.605  1.552   1.00 4.00 ? 9  DT  B O2     1 
ATOM   271 N  N3     . DT  B 2 4 ? -1.541  -2.997  -0.090  1.00 4.00 ? 9  DT  B N3     1 
ATOM   272 C  C4     . DT  B 2 4 ? -2.073  -3.076  -1.360  1.00 4.00 ? 9  DT  B C4     1 
ATOM   273 O  O4     . DT  B 2 4 ? -3.013  -2.351  -1.693  1.00 4.00 ? 9  DT  B O4     1 
ATOM   274 C  C5     . DT  B 2 4 ? -1.434  -4.056  -2.207  1.00 4.00 ? 9  DT  B C5     1 
ATOM   275 C  C7     . DT  B 2 4 ? -1.952  -4.207  -3.607  1.00 4.00 ? 9  DT  B C7     1 
ATOM   276 C  C6     . DT  B 2 4 ? -0.414  -4.799  -1.747  1.00 4.00 ? 9  DT  B C6     1 
ATOM   277 H  "H5'"  . DT  B 2 4 ? 4.280   -5.639  -2.257  1.00 4.00 ? 9  DT  B "H5'"  1 
ATOM   278 H  "H5''" . DT  B 2 4 ? 4.977   -7.076  -1.487  1.00 4.00 ? 9  DT  B "H5''" 1 
ATOM   279 H  "H4'"  . DT  B 2 4 ? 4.005   -5.888  0.304   1.00 4.00 ? 9  DT  B "H4'"  1 
ATOM   280 H  "H3'"  . DT  B 2 4 ? 2.817   -8.327  -0.244  1.00 4.00 ? 9  DT  B "H3'"  1 
ATOM   281 H  "H2'"  . DT  B 2 4 ? 0.898   -7.148  -1.339  1.00 4.00 ? 9  DT  B "H2'"  1 
ATOM   282 H  "H2''" . DT  B 2 4 ? 0.318   -7.445  0.398   1.00 4.00 ? 9  DT  B "H2''" 1 
ATOM   283 H  "H1'"  . DT  B 2 4 ? 1.291   -5.342  1.108   1.00 4.00 ? 9  DT  B "H1'"  1 
ATOM   284 H  H3     . DT  B 2 4 ? -1.954  -2.332  0.532   1.00 4.00 ? 9  DT  B H3     1 
ATOM   285 H  H71    . DT  B 2 4 ? -1.378  -4.975  -4.125  1.00 4.00 ? 9  DT  B H71    1 
ATOM   286 H  H72    . DT  B 2 4 ? -3.001  -4.495  -3.577  1.00 4.00 ? 9  DT  B H72    1 
ATOM   287 H  H73    . DT  B 2 4 ? -1.850  -3.259  -4.136  1.00 4.00 ? 9  DT  B H73    1 
ATOM   288 H  H6     . DT  B 2 4 ? 0.014   -5.471  -2.352  1.00 4.00 ? 9  DT  B H6     1 
ATOM   289 P  P      . DT  B 2 5 ? 2.849   -8.716  2.329   1.00 4.00 ? 10 DT  B P      1 
ATOM   290 O  OP1    . DT  B 2 5 ? 4.303   -8.988  2.343   1.00 4.00 ? 10 DT  B OP1    1 
ATOM   291 O  OP2    . DT  B 2 5 ? 1.993   -9.789  1.774   1.00 4.00 ? 10 DT  B OP2    1 
ATOM   292 O  "O5'"  . DT  B 2 5 ? 2.357   -8.346  3.806   1.00 4.00 ? 10 DT  B "O5'"  1 
ATOM   293 C  "C5'"  . DT  B 2 5 ? 2.681   -7.051  4.346   1.00 4.00 ? 10 DT  B "C5'"  1 
ATOM   294 C  "C4'"  . DT  B 2 5 ? 1.465   -6.455  5.028   1.00 4.00 ? 10 DT  B "C4'"  1 
ATOM   295 O  "O4'"  . DT  B 2 5 ? 0.584   -5.837  4.048   1.00 4.00 ? 10 DT  B "O4'"  1 
ATOM   296 C  "C3'"  . DT  B 2 5 ? 0.581   -7.441  5.793   1.00 4.00 ? 10 DT  B "C3'"  1 
ATOM   297 O  "O3'"  . DT  B 2 5 ? 0.128   -6.821  6.990   1.00 4.00 ? 10 DT  B "O3'"  1 
ATOM   298 C  "C2'"  . DT  B 2 5 ? -0.600  -7.637  4.843   1.00 4.00 ? 10 DT  B "C2'"  1 
ATOM   299 C  "C1'"  . DT  B 2 5 ? -0.738  -6.174  4.437   1.00 4.00 ? 10 DT  B "C1'"  1 
ATOM   300 N  N1     . DT  B 2 5 ? -1.665  -5.956  3.290   1.00 4.00 ? 10 DT  B N1     1 
ATOM   301 C  C2     . DT  B 2 5 ? -2.601  -4.959  3.424   1.00 4.00 ? 10 DT  B C2     1 
ATOM   302 O  O2     . DT  B 2 5 ? -2.694  -4.267  4.423   1.00 4.00 ? 10 DT  B O2     1 
ATOM   303 N  N3     . DT  B 2 5 ? -3.443  -4.786  2.342   1.00 4.00 ? 10 DT  B N3     1 
ATOM   304 C  C4     . DT  B 2 5 ? -3.424  -5.510  1.168   1.00 4.00 ? 10 DT  B C4     1 
ATOM   305 O  O4     . DT  B 2 5 ? -4.229  -5.263  0.267   1.00 4.00 ? 10 DT  B O4     1 
ATOM   306 C  C5     . DT  B 2 5 ? -2.407  -6.534  1.121   1.00 4.00 ? 10 DT  B C5     1 
ATOM   307 C  C7     . DT  B 2 5 ? -2.318  -7.368  -0.123  1.00 4.00 ? 10 DT  B C7     1 
ATOM   308 C  C6     . DT  B 2 5 ? -1.576  -6.724  2.159   1.00 4.00 ? 10 DT  B C6     1 
ATOM   309 H  "H5'"  . DT  B 2 5 ? 3.004   -6.392  3.541   1.00 4.00 ? 10 DT  B "H5'"  1 
ATOM   310 H  "H5''" . DT  B 2 5 ? 3.490   -7.151  5.068   1.00 4.00 ? 10 DT  B "H5''" 1 
ATOM   311 H  "H4'"  . DT  B 2 5 ? 1.779   -5.655  5.698   1.00 4.00 ? 10 DT  B "H4'"  1 
ATOM   312 H  "H3'"  . DT  B 2 5 ? 1.160   -8.331  6.042   1.00 4.00 ? 10 DT  B "H3'"  1 
ATOM   313 H  "H2'"  . DT  B 2 5 ? -0.291  -8.258  4.002   1.00 4.00 ? 10 DT  B "H2'"  1 
ATOM   314 H  "H2''" . DT  B 2 5 ? -1.468  -7.978  5.407   1.00 4.00 ? 10 DT  B "H2''" 1 
ATOM   315 H  "H1'"  . DT  B 2 5 ? -1.075  -5.589  5.292   1.00 4.00 ? 10 DT  B "H1'"  1 
ATOM   316 H  H3     . DT  B 2 5 ? -4.132  -4.067  2.417   1.00 4.00 ? 10 DT  B H3     1 
ATOM   317 H  H71    . DT  B 2 5 ? -1.512  -8.094  -0.016  1.00 4.00 ? 10 DT  B H71    1 
ATOM   318 H  H72    . DT  B 2 5 ? -3.261  -7.893  -0.276  1.00 4.00 ? 10 DT  B H72    1 
ATOM   319 H  H73    . DT  B 2 5 ? -2.117  -6.725  -0.979  1.00 4.00 ? 10 DT  B H73    1 
ATOM   320 H  H6     . DT  B 2 5 ? -0.879  -7.438  2.105   1.00 4.00 ? 10 DT  B H6     1 
HETATM 321 NA NA     . NA  C 3 . ? 14.264  -2.755  -3.372  1.00 4.00 ? 6  NA  A NA     1 
HETATM 322 NA NA     . NA  D 3 . ? -11.417 5.565   7.255   1.00 4.00 ? 7  NA  A NA     1 
HETATM 323 NA NA     . NA  E 3 . ? -10.851 4.636   0.823   1.00 4.00 ? 8  NA  A NA     1 
HETATM 324 NA NA     . NA  F 3 . ? -11.037 4.124   -3.419  1.00 4.00 ? 9  NA  A NA     1 
HETATM 325 NA NA     . NA  G 3 . ? -2.655  7.359   5.171   1.00 4.00 ? 10 NA  A NA     1 
HETATM 326 NA NA     . NA  H 3 . ? -5.786  -7.693  -1.242  1.00 4.00 ? 1  NA  B NA     1 
HETATM 327 NA NA     . NA  I 3 . ? -0.501  -10.571 0.052   1.00 4.00 ? 2  NA  B NA     1 
HETATM 328 NA NA     . NA  J 3 . ? -4.967  11.349  0.756   1.00 4.00 ? 11 NA  B NA     1 
HETATM 329 NA NA     . NA  K 3 . ? 7.387   -7.133  -3.795  1.00 4.00 ? 12 NA  B NA     1 
HETATM 330 NA NA     . NA  L 3 . ? -3.685  2.738   -9.617  1.00 4.00 ? 13 NA  B NA     1 
HETATM 331 O  O      . HOH M 4 . ? -0.504  -2.508  6.673   1.00 4.00 ? 11 HOH A O      1 
HETATM 332 O  O      . HOH M 4 . ? 3.061   -3.359  3.266   1.00 4.00 ? 12 HOH A O      1 
HETATM 333 O  O      . HOH M 4 . ? 5.071   -2.863  -1.288  1.00 4.00 ? 13 HOH A O      1 
HETATM 334 O  O      . HOH M 4 . ? -11.741 6.672   4.878   1.00 4.00 ? 14 HOH A O      1 
HETATM 335 O  O      . HOH M 4 . ? -10.018 2.783   -1.043  1.00 4.00 ? 15 HOH A O      1 
HETATM 336 O  O      . HOH M 4 . ? -4.118  10.610  3.697   1.00 4.00 ? 16 HOH A O      1 
HETATM 337 O  O      . HOH N 4 . ? -3.246  -2.119  6.913   1.00 4.00 ? 14 HOH B O      1 
HETATM 338 O  O      . HOH N 4 . ? 0.730   -2.848  4.692   1.00 4.00 ? 15 HOH B O      1 
HETATM 339 O  O      . HOH N 4 . ? 3.505   -2.847  1.008   1.00 4.00 ? 16 HOH B O      1 
HETATM 340 O  O      . HOH N 4 . ? 4.938   -1.392  -3.127  1.00 4.00 ? 17 HOH B O      1 
HETATM 341 O  O      . HOH N 4 . ? 5.406   1.689   -6.527  1.00 4.00 ? 18 HOH B O      1 
HETATM 342 O  O      . HOH N 4 . ? 5.679   -0.481  -5.647  1.00 4.00 ? 19 HOH B O      1 
HETATM 343 O  O      . HOH N 4 . ? 5.575   3.600   -8.539  1.00 4.00 ? 20 HOH B O      1 
HETATM 344 O  O      . HOH N 4 . ? -0.933  -8.315  -3.076  1.00 4.00 ? 21 HOH B O      1 
HETATM 345 O  O      . HOH N 4 . ? -4.746  8.725   -7.932  1.00 4.00 ? 22 HOH B O      1 
HETATM 346 O  O      . HOH N 4 . ? -4.472  5.781   -9.080  1.00 4.00 ? 23 HOH B O      1 
# 
